data_7FBO
#
_entry.id   7FBO
#
_cell.length_a   84.309
_cell.length_b   117.426
_cell.length_c   195.557
_cell.angle_alpha   90.000
_cell.angle_beta   90.000
_cell.angle_gamma   90.000
#
_symmetry.space_group_name_H-M   'I 2 2 2'
#
loop_
_entity.id
_entity.type
_entity.pdbx_description
1 polymer BezA
2 non-polymer '4-(2-HYDROXYETHYL)-1-PIPERAZINE ETHANESULFONIC ACID'
3 non-polymer S-ADENOSYL-L-HOMOCYSTEINE
4 water water
#
_entity_poly.entity_id   1
_entity_poly.type   'polypeptide(L)'
_entity_poly.pdbx_seq_one_letter_code
;MSNLDELASSRQTVLEPQDEVRIVGQYYDDKTAKLVRKYGPGPRIHYHVGYYPSSEAPRHTRDVTPDAFRRSIRLHQEGL
LRYAAKIWGAEHRLSGRILDVGCGLGGGSLFWAQEYGADVTAVTNAPEHAPIVEGFARECGVGGRVRTLVCDAMHLPLDG
GPYDAAVAIESSGYFDRPVWFERLAHVLRPGGSVCIEEVFTTRPHGADVWAEYFYTKPATVLDYAEAAKAAGFELVDDVD
ATSETLPFWEESTAWTKAVLDSDSTLSAVDRRQLRISLMANQALGAEWQAGGLRLGFLRFERK
;
_entity_poly.pdbx_strand_id   A,B,C
#
loop_
_chem_comp.id
_chem_comp.type
_chem_comp.name
_chem_comp.formula
EPE non-polymer '4-(2-HYDROXYETHYL)-1-PIPERAZINE ETHANESULFONIC ACID' 'C8 H18 N2 O4 S'
#
# COMPACT_ATOMS: atom_id res chain seq x y z
N ARG A 22 -27.71 -18.65 24.30
CA ARG A 22 -26.48 -17.88 24.16
C ARG A 22 -26.69 -16.38 24.49
N ILE A 23 -25.83 -15.84 25.37
CA ILE A 23 -25.80 -14.40 25.60
C ILE A 23 -25.57 -13.66 24.29
N VAL A 24 -24.63 -14.12 23.47
CA VAL A 24 -24.32 -13.40 22.23
C VAL A 24 -25.44 -13.58 21.21
N GLY A 25 -26.17 -14.70 21.26
CA GLY A 25 -27.33 -14.86 20.38
C GLY A 25 -28.38 -13.79 20.64
N GLN A 26 -28.55 -13.41 21.91
CA GLN A 26 -29.50 -12.36 22.25
C GLN A 26 -28.94 -11.00 21.88
N TYR A 27 -27.62 -10.83 22.03
CA TYR A 27 -26.92 -9.62 21.61
C TYR A 27 -27.14 -9.37 20.12
N TYR A 28 -27.13 -10.44 19.32
CA TYR A 28 -27.37 -10.28 17.89
C TYR A 28 -28.83 -9.98 17.58
N ASP A 29 -29.76 -10.55 18.36
CA ASP A 29 -31.17 -10.21 18.17
C ASP A 29 -31.43 -8.73 18.43
N ASP A 30 -30.86 -8.18 19.51
CA ASP A 30 -31.05 -6.77 19.85
C ASP A 30 -30.43 -5.83 18.82
N LYS A 31 -29.54 -6.34 17.96
CA LYS A 31 -28.84 -5.47 17.02
C LYS A 31 -29.64 -5.18 15.75
N THR A 32 -30.74 -5.89 15.50
CA THR A 32 -31.29 -5.94 14.15
C THR A 32 -31.60 -4.54 13.61
N ALA A 33 -32.34 -3.75 14.38
CA ALA A 33 -32.76 -2.43 13.91
C ALA A 33 -31.55 -1.58 13.50
N LYS A 34 -30.54 -1.48 14.36
CA LYS A 34 -29.35 -0.71 14.01
C LYS A 34 -28.58 -1.35 12.86
N LEU A 35 -28.58 -2.69 12.79
CA LEU A 35 -27.97 -3.36 11.65
C LEU A 35 -28.67 -2.98 10.35
N VAL A 36 -30.01 -2.97 10.37
CA VAL A 36 -30.76 -2.70 9.15
C VAL A 36 -30.58 -1.25 8.73
N ARG A 37 -30.60 -0.32 9.69
CA ARG A 37 -30.45 1.09 9.36
C ARG A 37 -29.08 1.38 8.76
N LYS A 38 -28.02 0.87 9.37
CA LYS A 38 -26.67 1.23 8.98
C LYS A 38 -26.22 0.47 7.73
N TYR A 39 -26.52 -0.81 7.63
CA TYR A 39 -26.06 -1.62 6.50
C TYR A 39 -27.11 -1.72 5.43
N GLY A 40 -28.04 -0.78 5.40
CA GLY A 40 -28.83 -0.48 4.22
C GLY A 40 -29.91 -1.51 4.10
N PRO A 41 -30.86 -1.27 3.20
CA PRO A 41 -32.05 -2.12 3.11
C PRO A 41 -31.75 -3.40 2.34
N GLY A 42 -32.76 -4.25 2.25
CA GLY A 42 -32.63 -5.52 1.57
C GLY A 42 -32.43 -5.39 0.07
N PRO A 43 -32.41 -6.53 -0.62
CA PRO A 43 -32.48 -7.88 -0.03
C PRO A 43 -31.16 -8.40 0.57
N ARG A 44 -30.01 -7.85 0.17
CA ARG A 44 -28.71 -8.30 0.68
C ARG A 44 -28.22 -7.31 1.73
N ILE A 45 -28.27 -7.71 3.00
CA ILE A 45 -27.75 -6.92 4.12
C ILE A 45 -26.54 -7.64 4.68
N HIS A 46 -25.39 -6.97 4.65
CA HIS A 46 -24.11 -7.51 5.03
C HIS A 46 -23.68 -6.97 6.39
N TYR A 47 -23.05 -7.83 7.20
CA TYR A 47 -22.51 -7.44 8.49
C TYR A 47 -21.09 -7.95 8.61
N HIS A 48 -20.22 -7.42 7.74
CA HIS A 48 -18.78 -7.67 7.80
C HIS A 48 -18.08 -6.40 7.33
N VAL A 49 -16.77 -6.40 7.41
CA VAL A 49 -16.00 -5.25 6.97
C VAL A 49 -16.00 -5.22 5.44
N GLY A 50 -15.92 -4.00 4.88
CA GLY A 50 -15.84 -3.85 3.45
C GLY A 50 -14.42 -3.96 2.94
N TYR A 51 -14.27 -4.28 1.66
CA TYR A 51 -12.97 -4.57 1.06
C TYR A 51 -12.64 -3.48 0.04
N TYR A 52 -11.61 -2.70 0.33
CA TYR A 52 -11.17 -1.52 -0.42
C TYR A 52 -9.87 -1.89 -1.13
N PRO A 53 -9.92 -2.33 -2.38
CA PRO A 53 -8.74 -2.95 -3.01
C PRO A 53 -7.52 -2.05 -3.10
N SER A 54 -7.66 -0.73 -2.96
CA SER A 54 -6.56 0.20 -3.02
C SER A 54 -6.03 0.60 -1.66
N SER A 55 -6.59 0.05 -0.57
CA SER A 55 -6.21 0.41 0.80
C SER A 55 -6.37 1.90 1.06
N GLU A 56 -7.21 2.58 0.27
CA GLU A 56 -7.54 3.98 0.46
C GLU A 56 -9.03 4.12 0.71
N ALA A 57 -9.39 4.98 1.64
CA ALA A 57 -10.80 5.28 1.81
C ALA A 57 -11.29 6.22 0.69
N PRO A 58 -12.54 6.05 0.26
CA PRO A 58 -13.11 6.99 -0.71
C PRO A 58 -13.19 8.40 -0.15
N ARG A 59 -12.75 9.36 -0.95
CA ARG A 59 -12.92 10.75 -0.60
C ARG A 59 -14.31 11.17 -1.04
N HIS A 60 -15.18 11.42 -0.06
CA HIS A 60 -16.52 11.89 -0.32
C HIS A 60 -16.46 13.41 -0.36
N THR A 61 -16.35 13.97 -1.55
CA THR A 61 -16.02 15.37 -1.62
C THR A 61 -17.28 16.24 -1.70
N ARG A 62 -18.29 15.85 -2.48
CA ARG A 62 -19.48 16.66 -2.61
C ARG A 62 -20.58 16.26 -1.62
N ASP A 63 -20.80 14.97 -1.40
CA ASP A 63 -21.92 14.45 -0.63
C ASP A 63 -21.40 13.75 0.65
N VAL A 64 -21.67 14.32 1.83
CA VAL A 64 -21.19 13.74 3.08
C VAL A 64 -22.38 13.48 3.98
N THR A 65 -23.47 13.04 3.38
CA THR A 65 -24.68 12.64 4.04
C THR A 65 -24.55 11.22 4.59
N PRO A 66 -25.33 10.87 5.61
CA PRO A 66 -25.32 9.46 6.07
C PRO A 66 -25.55 8.46 4.97
N ASP A 67 -26.54 8.70 4.10
CA ASP A 67 -26.81 7.72 3.05
C ASP A 67 -25.65 7.57 2.08
N ALA A 68 -24.79 8.58 1.96
CA ALA A 68 -23.67 8.47 1.04
C ALA A 68 -22.61 7.53 1.59
N PHE A 69 -22.34 7.60 2.90
CA PHE A 69 -21.43 6.63 3.49
C PHE A 69 -22.07 5.24 3.59
N ARG A 70 -23.37 5.19 3.87
CA ARG A 70 -24.05 3.90 3.87
C ARG A 70 -23.85 3.18 2.54
N ARG A 71 -24.12 3.88 1.43
CA ARG A 71 -23.99 3.25 0.12
C ARG A 71 -22.56 2.76 -0.12
N SER A 72 -21.57 3.62 0.18
CA SER A 72 -20.17 3.24 0.00
C SER A 72 -19.79 2.04 0.87
N ILE A 73 -20.24 2.03 2.12
CA ILE A 73 -20.05 0.86 2.97
C ILE A 73 -20.66 -0.37 2.33
N ARG A 74 -21.91 -0.26 1.84
CA ARG A 74 -22.55 -1.43 1.23
C ARG A 74 -21.82 -1.87 -0.02
N LEU A 75 -21.41 -0.92 -0.86
CA LEU A 75 -20.72 -1.25 -2.10
C LEU A 75 -19.47 -2.07 -1.82
N HIS A 76 -18.72 -1.69 -0.78
CA HIS A 76 -17.49 -2.40 -0.45
C HIS A 76 -17.73 -3.66 0.37
N GLN A 77 -18.89 -3.77 1.05
CA GLN A 77 -19.25 -5.03 1.68
C GLN A 77 -19.55 -6.09 0.62
N GLU A 78 -20.24 -5.71 -0.46
CA GLU A 78 -20.35 -6.58 -1.62
C GLU A 78 -18.99 -6.89 -2.19
N GLY A 79 -18.13 -5.87 -2.32
CA GLY A 79 -16.78 -6.07 -2.84
C GLY A 79 -16.01 -7.15 -2.07
N LEU A 80 -16.16 -7.17 -0.75
CA LEU A 80 -15.58 -8.24 0.06
C LEU A 80 -15.99 -9.60 -0.49
N LEU A 81 -17.30 -9.79 -0.72
CA LEU A 81 -17.79 -11.07 -1.22
C LEU A 81 -17.29 -11.34 -2.63
N ARG A 82 -17.37 -10.32 -3.50
CA ARG A 82 -16.85 -10.47 -4.86
C ARG A 82 -15.37 -10.82 -4.83
N TYR A 83 -14.61 -10.18 -3.95
CA TYR A 83 -13.20 -10.52 -3.83
C TYR A 83 -13.02 -11.95 -3.36
N ALA A 84 -13.70 -12.32 -2.29
CA ALA A 84 -13.57 -13.67 -1.75
C ALA A 84 -13.95 -14.72 -2.78
N ALA A 85 -15.05 -14.48 -3.53
CA ALA A 85 -15.44 -15.37 -4.62
C ALA A 85 -14.29 -15.55 -5.63
N LYS A 86 -13.58 -14.47 -5.93
CA LYS A 86 -12.44 -14.56 -6.83
C LYS A 86 -11.36 -15.50 -6.27
N ILE A 87 -10.88 -15.21 -5.05
CA ILE A 87 -9.71 -15.95 -4.59
C ILE A 87 -10.05 -17.39 -4.24
N TRP A 88 -11.32 -17.68 -4.00
CA TRP A 88 -11.75 -19.01 -3.57
C TRP A 88 -12.26 -19.86 -4.72
N GLY A 89 -12.38 -19.31 -5.91
CA GLY A 89 -12.84 -20.09 -7.03
C GLY A 89 -14.29 -20.47 -6.86
N ALA A 90 -15.11 -19.50 -6.44
CA ALA A 90 -16.50 -19.78 -6.09
C ALA A 90 -17.25 -20.55 -7.18
N GLU A 91 -16.84 -20.40 -8.45
CA GLU A 91 -17.57 -21.01 -9.56
C GLU A 91 -17.61 -22.53 -9.43
N HIS A 92 -16.48 -23.15 -9.07
CA HIS A 92 -16.55 -24.59 -8.83
C HIS A 92 -16.62 -24.92 -7.34
N ARG A 93 -16.12 -24.06 -6.47
CA ARG A 93 -16.00 -24.44 -5.07
C ARG A 93 -17.17 -24.03 -4.20
N LEU A 94 -17.93 -22.99 -4.58
CA LEU A 94 -19.05 -22.52 -3.77
C LEU A 94 -20.36 -22.50 -4.55
N SER A 95 -20.46 -23.31 -5.60
CA SER A 95 -21.66 -23.33 -6.42
C SER A 95 -22.58 -24.50 -6.13
N GLY A 96 -22.24 -25.36 -5.17
CA GLY A 96 -23.00 -26.57 -4.87
C GLY A 96 -23.89 -26.45 -3.64
N ARG A 97 -23.87 -27.50 -2.82
CA ARG A 97 -24.61 -27.52 -1.56
C ARG A 97 -23.66 -27.04 -0.47
N ILE A 98 -23.88 -25.84 0.04
CA ILE A 98 -22.93 -25.23 0.97
C ILE A 98 -23.61 -24.89 2.28
N LEU A 99 -22.79 -24.77 3.33
CA LEU A 99 -23.17 -24.20 4.61
C LEU A 99 -22.67 -22.75 4.70
N ASP A 100 -23.55 -21.85 5.08
CA ASP A 100 -23.18 -20.47 5.36
C ASP A 100 -23.35 -20.30 6.86
N VAL A 101 -22.23 -20.40 7.59
CA VAL A 101 -22.25 -20.48 9.05
C VAL A 101 -22.11 -19.08 9.61
N GLY A 102 -23.03 -18.70 10.50
CA GLY A 102 -23.08 -17.36 11.03
C GLY A 102 -23.50 -16.42 9.93
N CYS A 103 -24.79 -16.42 9.60
CA CYS A 103 -25.25 -15.88 8.33
C CYS A 103 -25.73 -14.44 8.42
N GLY A 104 -25.73 -13.84 9.61
CA GLY A 104 -26.19 -12.47 9.73
C GLY A 104 -27.64 -12.32 9.29
N LEU A 105 -27.90 -11.32 8.43
CA LEU A 105 -29.21 -11.06 7.86
C LEU A 105 -29.35 -11.63 6.46
N GLY A 106 -28.46 -12.53 6.07
CA GLY A 106 -28.61 -13.25 4.82
C GLY A 106 -27.81 -12.71 3.67
N GLY A 107 -27.06 -11.62 3.86
CA GLY A 107 -26.36 -11.00 2.76
C GLY A 107 -25.48 -11.98 2.01
N GLY A 108 -24.60 -12.67 2.73
CA GLY A 108 -23.74 -13.65 2.08
C GLY A 108 -24.52 -14.83 1.52
N SER A 109 -25.57 -15.25 2.24
CA SER A 109 -26.38 -16.37 1.76
C SER A 109 -26.91 -16.09 0.37
N LEU A 110 -27.54 -14.93 0.20
CA LEU A 110 -28.15 -14.64 -1.09
C LEU A 110 -27.08 -14.44 -2.15
N PHE A 111 -25.95 -13.81 -1.79
CA PHE A 111 -24.83 -13.65 -2.72
C PHE A 111 -24.42 -14.99 -3.34
N TRP A 112 -24.08 -15.98 -2.50
CA TRP A 112 -23.70 -17.29 -3.03
C TRP A 112 -24.85 -17.92 -3.81
N ALA A 113 -26.08 -17.81 -3.28
CA ALA A 113 -27.23 -18.41 -3.96
C ALA A 113 -27.54 -17.74 -5.29
N GLN A 114 -27.44 -16.41 -5.36
CA GLN A 114 -27.80 -15.68 -6.57
C GLN A 114 -26.66 -15.58 -7.57
N GLU A 115 -25.43 -15.30 -7.11
CA GLU A 115 -24.30 -15.10 -8.01
C GLU A 115 -23.62 -16.39 -8.42
N TYR A 116 -23.86 -17.48 -7.70
CA TYR A 116 -23.22 -18.75 -8.05
C TYR A 116 -24.19 -19.94 -7.97
N GLY A 117 -25.48 -19.70 -7.81
CA GLY A 117 -26.44 -20.80 -7.84
C GLY A 117 -26.31 -21.80 -6.73
N ALA A 118 -25.64 -21.47 -5.64
CA ALA A 118 -25.45 -22.43 -4.57
C ALA A 118 -26.79 -22.75 -3.89
N ASP A 119 -26.87 -23.95 -3.33
CA ASP A 119 -27.95 -24.30 -2.41
C ASP A 119 -27.39 -24.01 -1.03
N VAL A 120 -27.91 -22.97 -0.40
CA VAL A 120 -27.34 -22.42 0.82
C VAL A 120 -28.19 -22.85 2.01
N THR A 121 -27.53 -23.38 3.02
CA THR A 121 -28.11 -23.58 4.33
C THR A 121 -27.46 -22.56 5.25
N ALA A 122 -28.23 -21.53 5.63
CA ALA A 122 -27.71 -20.45 6.46
C ALA A 122 -27.95 -20.75 7.94
N VAL A 123 -26.89 -20.68 8.74
CA VAL A 123 -26.92 -21.03 10.15
C VAL A 123 -26.72 -19.77 10.98
N THR A 124 -27.48 -19.66 12.08
CA THR A 124 -27.30 -18.55 13.02
C THR A 124 -27.86 -18.94 14.38
N ASN A 125 -27.41 -18.24 15.41
CA ASN A 125 -27.94 -18.39 16.76
C ASN A 125 -28.81 -17.21 17.18
N ALA A 126 -29.15 -16.32 16.24
CA ALA A 126 -30.05 -15.20 16.50
C ALA A 126 -31.39 -15.51 15.86
N PRO A 127 -32.38 -15.96 16.63
CA PRO A 127 -33.65 -16.39 16.02
C PRO A 127 -34.34 -15.30 15.23
N GLU A 128 -34.20 -14.04 15.65
CA GLU A 128 -34.84 -12.93 14.95
C GLU A 128 -34.40 -12.84 13.51
N HIS A 129 -33.20 -13.33 13.19
CA HIS A 129 -32.65 -13.13 11.86
C HIS A 129 -33.07 -14.18 10.86
N ALA A 130 -33.38 -15.40 11.29
CA ALA A 130 -33.80 -16.45 10.36
C ALA A 130 -35.00 -16.06 9.48
N PRO A 131 -36.12 -15.54 10.01
CA PRO A 131 -37.21 -15.15 9.10
C PRO A 131 -36.84 -14.01 8.18
N ILE A 132 -36.01 -13.08 8.65
CA ILE A 132 -35.52 -11.99 7.80
C ILE A 132 -34.86 -12.57 6.55
N VAL A 133 -34.00 -13.58 6.73
CA VAL A 133 -33.24 -14.10 5.60
C VAL A 133 -34.15 -14.81 4.62
N GLU A 134 -35.17 -15.50 5.12
CA GLU A 134 -36.04 -16.25 4.21
C GLU A 134 -36.96 -15.30 3.46
N GLY A 135 -37.46 -14.26 4.14
CA GLY A 135 -38.20 -13.21 3.46
C GLY A 135 -37.40 -12.54 2.38
N PHE A 136 -36.08 -12.47 2.52
CA PHE A 136 -35.26 -11.90 1.46
C PHE A 136 -34.92 -12.94 0.39
N ALA A 137 -34.75 -14.21 0.77
CA ALA A 137 -34.53 -15.23 -0.24
C ALA A 137 -35.76 -15.42 -1.12
N ARG A 138 -36.96 -15.40 -0.51
CA ARG A 138 -38.20 -15.47 -1.29
C ARG A 138 -38.32 -14.29 -2.25
N GLU A 139 -38.01 -13.07 -1.80
CA GLU A 139 -38.12 -11.91 -2.67
C GLU A 139 -37.24 -12.04 -3.90
N CYS A 140 -36.10 -12.70 -3.78
CA CYS A 140 -35.13 -12.85 -4.86
C CYS A 140 -35.34 -14.09 -5.72
N GLY A 141 -36.45 -14.81 -5.52
CA GLY A 141 -36.69 -16.01 -6.29
C GLY A 141 -35.72 -17.15 -6.06
N VAL A 142 -35.10 -17.21 -4.88
CA VAL A 142 -34.14 -18.26 -4.56
C VAL A 142 -34.54 -18.93 -3.25
N GLY A 143 -35.82 -18.80 -2.89
CA GLY A 143 -36.29 -19.32 -1.63
C GLY A 143 -36.18 -20.82 -1.51
N GLY A 144 -36.17 -21.53 -2.65
CA GLY A 144 -35.99 -22.96 -2.63
C GLY A 144 -34.56 -23.43 -2.50
N ARG A 145 -33.59 -22.52 -2.62
CA ARG A 145 -32.18 -22.86 -2.49
C ARG A 145 -31.50 -22.07 -1.38
N VAL A 146 -32.28 -21.48 -0.48
CA VAL A 146 -31.78 -20.86 0.74
C VAL A 146 -32.76 -21.21 1.86
N ARG A 147 -32.31 -22.03 2.80
CA ARG A 147 -33.03 -22.28 4.03
C ARG A 147 -32.15 -21.89 5.21
N THR A 148 -32.81 -21.57 6.32
CA THR A 148 -32.11 -21.20 7.55
C THR A 148 -32.18 -22.34 8.56
N LEU A 149 -31.39 -22.19 9.61
CA LEU A 149 -31.30 -23.13 10.71
C LEU A 149 -30.89 -22.33 11.94
N VAL A 150 -31.83 -22.08 12.84
CA VAL A 150 -31.47 -21.52 14.14
C VAL A 150 -30.86 -22.65 14.95
N CYS A 151 -29.82 -22.34 15.71
CA CYS A 151 -28.76 -23.33 15.83
C CYS A 151 -27.62 -22.74 16.65
N ASP A 152 -26.84 -23.63 17.25
CA ASP A 152 -25.45 -23.32 17.57
C ASP A 152 -24.60 -24.00 16.48
N ALA A 153 -23.62 -23.26 15.95
CA ALA A 153 -22.91 -23.70 14.76
C ALA A 153 -22.27 -25.07 14.94
N MET A 154 -21.89 -25.39 16.17
CA MET A 154 -21.03 -26.52 16.48
C MET A 154 -21.78 -27.57 17.29
N HIS A 155 -23.06 -27.77 16.99
CA HIS A 155 -23.86 -28.62 17.86
C HIS A 155 -24.85 -29.52 17.11
N LEU A 156 -25.80 -28.91 16.39
CA LEU A 156 -26.84 -29.60 15.65
C LEU A 156 -26.32 -30.80 14.86
N PRO A 157 -27.14 -31.82 14.66
CA PRO A 157 -27.03 -32.58 13.41
C PRO A 157 -27.68 -31.78 12.29
N LEU A 158 -27.17 -31.98 11.08
CA LEU A 158 -27.80 -31.46 9.88
C LEU A 158 -27.93 -32.58 8.88
N ASP A 159 -29.18 -32.89 8.52
CA ASP A 159 -29.46 -33.94 7.56
C ASP A 159 -29.56 -33.38 6.15
N GLY A 160 -28.73 -32.40 5.84
CA GLY A 160 -28.70 -31.86 4.50
C GLY A 160 -27.74 -32.62 3.61
N GLY A 161 -27.54 -33.91 3.91
CA GLY A 161 -26.61 -34.76 3.20
C GLY A 161 -25.21 -34.20 3.27
N PRO A 162 -24.25 -34.80 2.59
CA PRO A 162 -22.89 -34.24 2.58
C PRO A 162 -22.89 -32.89 1.86
N TYR A 163 -21.97 -32.03 2.30
CA TYR A 163 -21.90 -30.68 1.79
C TYR A 163 -20.62 -30.47 1.01
N ASP A 164 -20.73 -29.68 -0.04
CA ASP A 164 -19.57 -29.38 -0.86
C ASP A 164 -18.64 -28.35 -0.24
N ALA A 165 -19.12 -27.52 0.69
CA ALA A 165 -18.35 -26.39 1.19
C ALA A 165 -19.04 -25.77 2.39
N ALA A 166 -18.23 -25.14 3.24
CA ALA A 166 -18.72 -24.27 4.30
C ALA A 166 -18.08 -22.89 4.15
N VAL A 167 -18.88 -21.85 4.34
CA VAL A 167 -18.39 -20.47 4.31
C VAL A 167 -18.74 -19.82 5.65
N ALA A 168 -17.82 -19.02 6.17
CA ALA A 168 -17.99 -18.35 7.46
C ALA A 168 -17.35 -16.98 7.32
N ILE A 169 -18.16 -15.95 7.14
CA ILE A 169 -17.68 -14.60 6.88
C ILE A 169 -17.81 -13.85 8.20
N GLU A 170 -16.70 -13.72 8.93
CA GLU A 170 -16.61 -12.93 10.16
C GLU A 170 -17.48 -13.47 11.29
N SER A 171 -17.80 -14.75 11.24
CA SER A 171 -18.52 -15.43 12.31
C SER A 171 -17.68 -16.42 13.11
N SER A 172 -16.61 -16.98 12.52
CA SER A 172 -15.88 -18.05 13.19
C SER A 172 -15.25 -17.60 14.51
N GLY A 173 -15.20 -16.30 14.77
CA GLY A 173 -14.66 -15.82 16.03
C GLY A 173 -15.52 -16.15 17.22
N TYR A 174 -16.76 -16.54 16.99
CA TYR A 174 -17.66 -16.97 18.07
C TYR A 174 -17.60 -18.46 18.31
N PHE A 175 -16.76 -19.18 17.59
CA PHE A 175 -16.82 -20.64 17.59
C PHE A 175 -15.66 -21.23 18.36
N ASP A 176 -15.88 -22.44 18.86
CA ASP A 176 -14.83 -23.31 19.38
C ASP A 176 -14.21 -23.97 18.16
N ARG A 177 -13.05 -23.47 17.74
CA ARG A 177 -12.51 -23.93 16.46
C ARG A 177 -12.19 -25.41 16.47
N PRO A 178 -11.56 -25.99 17.52
CA PRO A 178 -11.35 -27.45 17.51
C PRO A 178 -12.63 -28.25 17.34
N VAL A 179 -13.69 -27.89 18.07
CA VAL A 179 -14.96 -28.61 17.94
C VAL A 179 -15.62 -28.30 16.60
N TRP A 180 -15.55 -27.04 16.16
CA TRP A 180 -16.27 -26.61 14.95
C TRP A 180 -15.70 -27.28 13.71
N PHE A 181 -14.38 -27.38 13.60
CA PHE A 181 -13.80 -28.09 12.47
C PHE A 181 -14.14 -29.57 12.49
N GLU A 182 -14.27 -30.17 13.68
CA GLU A 182 -14.63 -31.58 13.75
C GLU A 182 -16.03 -31.83 13.19
N ARG A 183 -17.03 -31.08 13.67
CA ARG A 183 -18.35 -31.09 13.05
C ARG A 183 -18.23 -31.04 11.54
N LEU A 184 -17.56 -30.00 11.02
CA LEU A 184 -17.49 -29.80 9.57
C LEU A 184 -16.85 -31.00 8.89
N ALA A 185 -15.86 -31.60 9.53
CA ALA A 185 -15.21 -32.77 8.93
C ALA A 185 -16.22 -33.86 8.62
N HIS A 186 -17.22 -34.03 9.47
CA HIS A 186 -18.17 -35.10 9.18
C HIS A 186 -19.16 -34.70 8.12
N VAL A 187 -19.67 -33.46 8.15
CA VAL A 187 -20.69 -33.08 7.19
C VAL A 187 -20.13 -32.65 5.84
N LEU A 188 -18.83 -32.47 5.70
CA LEU A 188 -18.23 -32.10 4.43
C LEU A 188 -17.67 -33.33 3.71
N ARG A 189 -17.77 -33.32 2.39
CA ARG A 189 -17.27 -34.39 1.55
C ARG A 189 -15.76 -34.23 1.34
N PRO A 190 -15.08 -35.31 0.95
CA PRO A 190 -13.65 -35.20 0.65
C PRO A 190 -13.40 -34.07 -0.34
N GLY A 191 -12.34 -33.30 -0.10
CA GLY A 191 -12.00 -32.21 -0.98
C GLY A 191 -12.90 -30.99 -0.87
N GLY A 192 -14.00 -31.07 -0.13
CA GLY A 192 -14.81 -29.89 0.12
C GLY A 192 -14.04 -28.85 0.90
N SER A 193 -14.43 -27.59 0.71
CA SER A 193 -13.65 -26.47 1.21
C SER A 193 -14.35 -25.80 2.39
N VAL A 194 -13.53 -25.25 3.29
CA VAL A 194 -14.00 -24.36 4.34
C VAL A 194 -13.37 -23.00 4.09
N CYS A 195 -14.20 -22.01 3.81
CA CYS A 195 -13.73 -20.68 3.44
C CYS A 195 -14.05 -19.73 4.59
N ILE A 196 -13.02 -19.04 5.08
CA ILE A 196 -13.14 -18.23 6.28
C ILE A 196 -12.62 -16.83 5.97
N GLU A 197 -13.40 -15.83 6.30
CA GLU A 197 -12.88 -14.48 6.48
C GLU A 197 -13.02 -14.18 7.96
N GLU A 198 -11.96 -13.65 8.56
CA GLU A 198 -11.95 -13.51 10.00
C GLU A 198 -10.90 -12.50 10.43
N VAL A 199 -11.10 -11.97 11.63
CA VAL A 199 -10.06 -11.24 12.35
C VAL A 199 -9.27 -12.24 13.18
N PHE A 200 -7.97 -12.37 12.89
CA PHE A 200 -7.09 -13.21 13.68
C PHE A 200 -6.14 -12.35 14.50
N THR A 201 -5.64 -12.92 15.57
CA THR A 201 -4.52 -12.32 16.28
C THR A 201 -3.22 -12.74 15.59
N THR A 202 -2.23 -11.85 15.62
CA THR A 202 -0.88 -12.19 15.18
C THR A 202 0.09 -12.33 16.33
N ARG A 203 -0.28 -11.81 17.49
CA ARG A 203 0.39 -12.00 18.76
C ARG A 203 -0.69 -11.95 19.83
N PRO A 204 -0.44 -12.51 21.01
CA PRO A 204 -1.45 -12.49 22.06
C PRO A 204 -1.91 -11.06 22.31
N HIS A 205 -3.22 -10.89 22.49
CA HIS A 205 -3.89 -9.63 22.82
C HIS A 205 -4.00 -8.67 21.64
N GLY A 206 -3.57 -9.06 20.45
CA GLY A 206 -3.58 -8.12 19.34
C GLY A 206 -4.93 -7.69 18.82
N ALA A 207 -6.02 -8.14 19.46
CA ALA A 207 -7.37 -7.82 19.02
C ALA A 207 -8.30 -7.73 20.22
N ASP A 208 -7.80 -7.18 21.33
CA ASP A 208 -8.59 -7.15 22.54
C ASP A 208 -9.82 -6.25 22.39
N VAL A 209 -9.67 -5.10 21.72
CA VAL A 209 -10.82 -4.24 21.47
C VAL A 209 -11.88 -5.01 20.69
N TRP A 210 -11.48 -5.56 19.54
CA TRP A 210 -12.37 -6.38 18.74
C TRP A 210 -13.06 -7.44 19.59
N ALA A 211 -12.30 -8.11 20.45
CA ALA A 211 -12.83 -9.24 21.20
C ALA A 211 -13.89 -8.81 22.20
N GLU A 212 -13.56 -7.82 23.02
CA GLU A 212 -14.42 -7.46 24.14
C GLU A 212 -15.64 -6.68 23.67
N TYR A 213 -15.50 -5.86 22.64
CA TYR A 213 -16.64 -5.12 22.14
C TYR A 213 -17.63 -6.02 21.38
N PHE A 214 -17.15 -7.05 20.66
CA PHE A 214 -18.02 -7.89 19.85
C PHE A 214 -18.25 -9.27 20.45
N TYR A 215 -17.83 -9.49 21.71
CA TYR A 215 -18.08 -10.77 22.40
C TYR A 215 -17.42 -11.92 21.67
N THR A 216 -16.29 -11.65 21.06
CA THR A 216 -15.64 -12.57 20.14
C THR A 216 -14.40 -13.19 20.79
N LYS A 217 -13.98 -14.35 20.28
CA LYS A 217 -12.76 -15.00 20.78
C LYS A 217 -11.76 -15.19 19.64
N PRO A 218 -11.14 -14.11 19.17
CA PRO A 218 -10.19 -14.23 18.05
C PRO A 218 -8.97 -15.06 18.45
N ALA A 219 -8.49 -15.85 17.50
CA ALA A 219 -7.30 -16.65 17.69
C ALA A 219 -6.34 -16.41 16.53
N THR A 220 -5.12 -16.92 16.68
CA THR A 220 -4.14 -16.83 15.61
C THR A 220 -4.50 -17.78 14.48
N VAL A 221 -3.96 -17.48 13.29
CA VAL A 221 -4.16 -18.36 12.14
C VAL A 221 -3.54 -19.72 12.40
N LEU A 222 -2.42 -19.75 13.11
CA LEU A 222 -1.82 -21.00 13.55
C LEU A 222 -2.81 -21.90 14.29
N ASP A 223 -3.51 -21.37 15.31
CA ASP A 223 -4.54 -22.14 16.01
C ASP A 223 -5.60 -22.68 15.06
N TYR A 224 -6.07 -21.85 14.11
CA TYR A 224 -7.05 -22.36 13.16
C TYR A 224 -6.50 -23.55 12.40
N ALA A 225 -5.23 -23.45 11.97
CA ALA A 225 -4.60 -24.52 11.21
C ALA A 225 -4.42 -25.78 12.07
N GLU A 226 -3.98 -25.60 13.32
CA GLU A 226 -3.86 -26.73 14.24
C GLU A 226 -5.20 -27.42 14.45
N ALA A 227 -6.23 -26.63 14.79
CA ALA A 227 -7.56 -27.20 15.02
C ALA A 227 -8.08 -27.90 13.78
N ALA A 228 -7.92 -27.29 12.61
CA ALA A 228 -8.45 -27.90 11.39
C ALA A 228 -7.68 -29.14 10.99
N LYS A 229 -6.36 -29.17 11.24
CA LYS A 229 -5.58 -30.37 10.96
C LYS A 229 -6.06 -31.54 11.82
N ALA A 230 -6.17 -31.33 13.14
CA ALA A 230 -6.61 -32.40 14.03
C ALA A 230 -7.95 -32.98 13.60
N ALA A 231 -8.76 -32.21 12.87
CA ALA A 231 -10.05 -32.66 12.40
C ALA A 231 -10.02 -33.19 10.97
N GLY A 232 -8.92 -33.02 10.25
CA GLY A 232 -8.79 -33.65 8.94
C GLY A 232 -8.77 -32.69 7.76
N PHE A 233 -8.27 -31.47 7.96
CA PHE A 233 -8.33 -30.41 6.98
C PHE A 233 -6.94 -29.87 6.71
N GLU A 234 -6.64 -29.66 5.44
CA GLU A 234 -5.39 -29.05 4.99
C GLU A 234 -5.64 -27.58 4.73
N LEU A 235 -4.73 -26.72 5.17
CA LEU A 235 -4.80 -25.30 4.84
C LEU A 235 -4.15 -25.10 3.47
N VAL A 236 -4.89 -24.55 2.51
CA VAL A 236 -4.42 -24.44 1.14
C VAL A 236 -4.37 -23.01 0.63
N ASP A 237 -4.65 -22.02 1.48
CA ASP A 237 -4.62 -20.62 1.09
C ASP A 237 -4.71 -19.74 2.32
N ASP A 238 -3.86 -18.72 2.40
CA ASP A 238 -3.78 -17.86 3.59
C ASP A 238 -3.44 -16.44 3.10
N VAL A 239 -4.48 -15.68 2.78
CA VAL A 239 -4.38 -14.36 2.16
C VAL A 239 -4.51 -13.26 3.20
N ASP A 240 -3.73 -12.20 3.06
CA ASP A 240 -3.89 -11.04 3.93
C ASP A 240 -4.79 -10.01 3.28
N ALA A 241 -5.58 -9.32 4.12
CA ALA A 241 -6.41 -8.20 3.68
C ALA A 241 -6.59 -7.17 4.77
N THR A 242 -5.64 -7.06 5.70
CA THR A 242 -5.74 -6.06 6.75
C THR A 242 -5.74 -4.64 6.18
N SER A 243 -4.77 -4.30 5.33
CA SER A 243 -4.69 -2.94 4.81
C SER A 243 -5.82 -2.62 3.84
N GLU A 244 -6.37 -3.62 3.14
CA GLU A 244 -7.49 -3.38 2.25
C GLU A 244 -8.82 -3.24 2.97
N THR A 245 -8.89 -3.62 4.24
CA THR A 245 -10.12 -3.44 5.00
C THR A 245 -10.03 -2.31 6.01
N LEU A 246 -8.84 -1.77 6.27
CA LEU A 246 -8.72 -0.61 7.16
C LEU A 246 -9.59 0.57 6.76
N PRO A 247 -9.71 0.97 5.48
CA PRO A 247 -10.60 2.08 5.14
C PRO A 247 -12.03 1.91 5.64
N PHE A 248 -12.45 0.67 5.93
CA PHE A 248 -13.83 0.48 6.38
C PHE A 248 -14.08 1.19 7.69
N TRP A 249 -13.08 1.24 8.57
CA TRP A 249 -13.30 1.91 9.85
C TRP A 249 -13.42 3.41 9.68
N GLU A 250 -12.67 3.99 8.74
CA GLU A 250 -12.87 5.41 8.41
C GLU A 250 -14.31 5.64 7.98
N GLU A 251 -14.79 4.82 7.03
CA GLU A 251 -16.14 5.00 6.49
C GLU A 251 -17.21 4.79 7.56
N SER A 252 -17.07 3.73 8.36
CA SER A 252 -18.03 3.44 9.43
C SER A 252 -18.03 4.55 10.48
N THR A 253 -16.86 5.13 10.75
CA THR A 253 -16.81 6.23 11.70
C THR A 253 -17.49 7.46 11.14
N ALA A 254 -17.31 7.72 9.84
CA ALA A 254 -17.87 8.93 9.24
C ALA A 254 -19.38 8.81 9.07
N TRP A 255 -19.88 7.61 8.73
CA TRP A 255 -21.32 7.39 8.79
C TRP A 255 -21.88 7.76 10.16
N THR A 256 -21.32 7.17 11.23
CA THR A 256 -21.80 7.46 12.58
C THR A 256 -21.70 8.95 12.92
N LYS A 257 -20.59 9.59 12.53
CA LYS A 257 -20.48 11.03 12.76
C LYS A 257 -21.59 11.77 12.05
N ALA A 258 -21.82 11.44 10.78
CA ALA A 258 -22.86 12.11 10.01
C ALA A 258 -24.21 11.96 10.68
N VAL A 259 -24.55 10.75 11.16
CA VAL A 259 -25.85 10.53 11.76
C VAL A 259 -26.00 11.38 13.03
N LEU A 260 -24.96 11.36 13.88
CA LEU A 260 -24.97 12.19 15.07
C LEU A 260 -25.08 13.68 14.72
N ASP A 261 -24.40 14.11 13.65
CA ASP A 261 -24.43 15.53 13.30
C ASP A 261 -25.74 15.96 12.67
N SER A 262 -26.39 15.08 11.92
CA SER A 262 -27.49 15.46 11.03
C SER A 262 -28.86 15.04 11.51
N ASP A 263 -28.97 13.86 12.10
CA ASP A 263 -30.25 13.27 12.50
C ASP A 263 -30.63 13.83 13.87
N SER A 264 -31.57 14.77 13.90
CA SER A 264 -31.96 15.39 15.16
C SER A 264 -33.13 14.69 15.83
N THR A 265 -33.73 13.69 15.19
CA THR A 265 -34.85 12.97 15.78
C THR A 265 -34.41 11.70 16.51
N LEU A 266 -33.21 11.68 17.06
CA LEU A 266 -32.67 10.50 17.73
C LEU A 266 -32.97 10.57 19.22
N SER A 267 -33.57 9.52 19.75
CA SER A 267 -33.70 9.42 21.19
C SER A 267 -32.34 9.48 21.87
N ALA A 268 -32.32 9.95 23.12
CA ALA A 268 -31.09 9.97 23.89
C ALA A 268 -30.46 8.58 23.96
N VAL A 269 -31.27 7.53 23.96
CA VAL A 269 -30.75 6.16 24.01
C VAL A 269 -30.00 5.84 22.71
N ASP A 270 -30.62 6.11 21.56
CA ASP A 270 -29.97 5.82 20.28
C ASP A 270 -28.73 6.67 20.10
N ARG A 271 -28.84 7.97 20.41
CA ARG A 271 -27.71 8.88 20.35
C ARG A 271 -26.54 8.36 21.17
N ARG A 272 -26.83 7.81 22.37
CA ARG A 272 -25.76 7.31 23.19
C ARG A 272 -25.11 6.08 22.57
N GLN A 273 -25.92 5.14 22.07
CA GLN A 273 -25.38 3.97 21.37
C GLN A 273 -24.50 4.41 20.21
N LEU A 274 -24.93 5.44 19.48
CA LEU A 274 -24.16 5.90 18.34
C LEU A 274 -22.89 6.60 18.79
N ARG A 275 -22.96 7.37 19.88
CA ARG A 275 -21.73 7.92 20.44
C ARG A 275 -20.80 6.81 20.88
N ILE A 276 -21.36 5.73 21.44
CA ILE A 276 -20.55 4.59 21.86
C ILE A 276 -19.95 3.89 20.64
N SER A 277 -20.78 3.62 19.63
CA SER A 277 -20.28 3.04 18.39
C SER A 277 -19.15 3.88 17.79
N LEU A 278 -19.30 5.21 17.82
CA LEU A 278 -18.23 6.08 17.31
C LEU A 278 -16.93 5.86 18.07
N MET A 279 -17.00 5.81 19.40
CA MET A 279 -15.79 5.57 20.18
C MET A 279 -15.21 4.20 19.85
N ALA A 280 -16.06 3.18 19.74
CA ALA A 280 -15.59 1.85 19.39
C ALA A 280 -14.89 1.86 18.04
N ASN A 281 -15.45 2.56 17.05
CA ASN A 281 -14.91 2.50 15.70
C ASN A 281 -13.52 3.10 15.64
N GLN A 282 -13.26 4.12 16.46
CA GLN A 282 -11.91 4.69 16.50
C GLN A 282 -10.95 3.72 17.16
N ALA A 283 -11.36 3.10 18.28
CA ALA A 283 -10.49 2.12 18.93
C ALA A 283 -10.23 0.94 18.01
N LEU A 284 -11.25 0.50 17.28
CA LEU A 284 -11.05 -0.62 16.35
C LEU A 284 -10.12 -0.22 15.21
N GLY A 285 -10.32 0.96 14.63
CA GLY A 285 -9.45 1.39 13.54
C GLY A 285 -8.01 1.54 13.98
N ALA A 286 -7.80 2.08 15.19
CA ALA A 286 -6.46 2.12 15.78
C ALA A 286 -5.87 0.71 15.90
N GLU A 287 -6.65 -0.22 16.45
CA GLU A 287 -6.19 -1.59 16.65
C GLU A 287 -5.86 -2.28 15.33
N TRP A 288 -6.64 -1.98 14.27
CA TRP A 288 -6.34 -2.51 12.94
C TRP A 288 -4.93 -2.17 12.47
N GLN A 289 -4.42 -1.01 12.90
CA GLN A 289 -3.13 -0.49 12.45
C GLN A 289 -1.97 -0.88 13.34
N ALA A 290 -2.26 -1.39 14.55
CA ALA A 290 -1.24 -1.54 15.58
C ALA A 290 -0.38 -2.78 15.39
N GLY A 291 -0.76 -3.68 14.48
CA GLY A 291 0.07 -4.81 14.13
C GLY A 291 -0.31 -6.13 14.77
N GLY A 292 -1.11 -6.13 15.85
CA GLY A 292 -1.51 -7.36 16.52
C GLY A 292 -2.64 -8.10 15.86
N LEU A 293 -3.09 -7.60 14.71
CA LEU A 293 -4.36 -8.00 14.14
C LEU A 293 -4.23 -8.22 12.64
N ARG A 294 -4.84 -9.29 12.16
CA ARG A 294 -4.88 -9.60 10.73
C ARG A 294 -6.32 -9.88 10.32
N LEU A 295 -6.77 -9.22 9.27
CA LEU A 295 -8.02 -9.59 8.61
C LEU A 295 -7.62 -10.48 7.44
N GLY A 296 -7.86 -11.78 7.57
CA GLY A 296 -7.40 -12.68 6.53
C GLY A 296 -8.48 -13.54 5.95
N PHE A 297 -8.21 -14.15 4.81
CA PHE A 297 -9.11 -15.10 4.20
C PHE A 297 -8.36 -16.43 4.15
N LEU A 298 -8.97 -17.47 4.70
CA LEU A 298 -8.43 -18.83 4.67
C LEU A 298 -9.33 -19.72 3.83
N ARG A 299 -8.74 -20.75 3.26
CA ARG A 299 -9.47 -21.86 2.65
C ARG A 299 -8.81 -23.16 3.10
N PHE A 300 -9.61 -24.04 3.69
CA PHE A 300 -9.17 -25.38 4.03
C PHE A 300 -9.85 -26.38 3.10
N GLU A 301 -9.25 -27.55 2.99
CA GLU A 301 -9.80 -28.61 2.17
C GLU A 301 -9.84 -29.88 3.00
N ARG A 302 -10.95 -30.60 2.89
CA ARG A 302 -11.13 -31.81 3.68
C ARG A 302 -10.36 -32.96 3.05
N LYS A 303 -9.60 -33.65 3.87
CA LYS A 303 -8.72 -34.74 3.42
C LYS A 303 -9.51 -35.95 2.90
N ARG B 22 5.79 33.33 -28.05
CA ARG B 22 5.94 33.26 -29.51
C ARG B 22 4.62 32.75 -30.17
N ILE B 23 4.72 31.72 -31.02
CA ILE B 23 3.52 30.99 -31.46
C ILE B 23 2.78 30.38 -30.26
N VAL B 24 3.51 30.11 -29.17
CA VAL B 24 2.90 29.61 -27.94
C VAL B 24 1.96 30.66 -27.33
N GLY B 25 2.45 31.91 -27.22
CA GLY B 25 1.61 32.96 -26.69
C GLY B 25 0.34 33.17 -27.48
N GLN B 26 0.41 32.96 -28.80
CA GLN B 26 -0.80 32.96 -29.62
C GLN B 26 -1.59 31.67 -29.41
N TYR B 27 -0.91 30.56 -29.17
CA TYR B 27 -1.59 29.30 -28.90
C TYR B 27 -2.37 29.35 -27.60
N TYR B 28 -1.89 30.11 -26.61
CA TYR B 28 -2.66 30.27 -25.38
C TYR B 28 -3.82 31.22 -25.58
N ASP B 29 -3.63 32.27 -26.40
CA ASP B 29 -4.71 33.18 -26.74
C ASP B 29 -5.90 32.43 -27.32
N ASP B 30 -5.63 31.53 -28.26
CA ASP B 30 -6.71 30.89 -29.01
C ASP B 30 -7.58 30.00 -28.13
N LYS B 31 -6.97 29.27 -27.18
CA LYS B 31 -7.76 28.37 -26.34
C LYS B 31 -8.33 29.06 -25.09
N THR B 32 -8.60 30.38 -25.13
CA THR B 32 -9.15 31.02 -23.95
C THR B 32 -10.60 30.60 -23.71
N ALA B 33 -11.39 30.46 -24.77
CA ALA B 33 -12.80 30.12 -24.56
C ALA B 33 -12.97 28.64 -24.23
N LYS B 34 -12.28 27.76 -24.95
CA LYS B 34 -12.37 26.33 -24.64
C LYS B 34 -11.79 26.04 -23.27
N LEU B 35 -11.04 26.97 -22.70
CA LEU B 35 -10.47 26.73 -21.39
C LEU B 35 -11.26 27.36 -20.26
N VAL B 36 -12.03 28.41 -20.52
CA VAL B 36 -12.97 28.90 -19.51
C VAL B 36 -14.15 27.95 -19.41
N ARG B 37 -14.53 27.32 -20.53
CA ARG B 37 -15.58 26.32 -20.49
C ARG B 37 -15.21 25.16 -19.58
N LYS B 38 -14.00 24.61 -19.76
CA LYS B 38 -13.60 23.43 -19.02
C LYS B 38 -13.30 23.73 -17.55
N TYR B 39 -12.61 24.84 -17.26
CA TYR B 39 -12.10 25.08 -15.91
C TYR B 39 -12.69 26.28 -15.21
N GLY B 40 -13.53 27.06 -15.86
CA GLY B 40 -14.19 28.19 -15.22
C GLY B 40 -15.37 27.78 -14.36
N PRO B 41 -16.16 28.76 -13.92
CA PRO B 41 -15.94 30.18 -14.22
C PRO B 41 -15.10 30.89 -13.15
N GLY B 42 -15.08 30.30 -11.95
CA GLY B 42 -14.60 30.90 -10.71
C GLY B 42 -14.63 32.40 -10.65
N PRO B 43 -13.85 32.95 -9.75
CA PRO B 43 -12.94 34.03 -10.14
C PRO B 43 -11.54 33.45 -10.28
N ARG B 44 -11.33 32.24 -9.74
CA ARG B 44 -10.10 31.49 -9.94
C ARG B 44 -10.31 30.40 -10.98
N ILE B 45 -9.72 30.58 -12.16
CA ILE B 45 -9.61 29.57 -13.19
C ILE B 45 -8.18 29.05 -13.19
N HIS B 46 -8.03 27.73 -13.13
CA HIS B 46 -6.73 27.09 -13.02
C HIS B 46 -6.45 26.26 -14.26
N TYR B 47 -5.20 26.26 -14.70
CA TYR B 47 -4.78 25.49 -15.88
C TYR B 47 -3.54 24.70 -15.52
N HIS B 48 -3.70 23.76 -14.60
CA HIS B 48 -2.68 22.80 -14.22
C HIS B 48 -3.40 21.54 -13.77
N VAL B 49 -2.68 20.42 -13.71
CA VAL B 49 -3.29 19.17 -13.31
C VAL B 49 -3.78 19.27 -11.87
N GLY B 50 -4.72 18.39 -11.50
CA GLY B 50 -5.19 18.33 -10.14
C GLY B 50 -4.38 17.38 -9.28
N TYR B 51 -4.46 17.60 -7.98
CA TYR B 51 -3.73 16.78 -7.00
C TYR B 51 -4.73 15.96 -6.22
N TYR B 52 -4.64 14.64 -6.35
CA TYR B 52 -5.53 13.70 -5.70
C TYR B 52 -4.76 12.97 -4.60
N PRO B 53 -4.87 13.41 -3.33
CA PRO B 53 -3.92 12.96 -2.31
C PRO B 53 -3.94 11.47 -2.04
N SER B 54 -5.06 10.80 -2.28
CA SER B 54 -5.14 9.34 -2.15
C SER B 54 -4.77 8.60 -3.43
N SER B 55 -4.28 9.33 -4.44
CA SER B 55 -3.90 8.77 -5.75
C SER B 55 -5.03 8.00 -6.43
N GLU B 56 -6.28 8.44 -6.26
CA GLU B 56 -7.35 7.91 -7.09
C GLU B 56 -8.47 8.95 -7.23
N ALA B 57 -9.11 8.94 -8.39
CA ALA B 57 -10.21 9.86 -8.64
C ALA B 57 -11.41 9.46 -7.80
N PRO B 58 -12.25 10.43 -7.42
CA PRO B 58 -13.51 10.08 -6.75
C PRO B 58 -14.38 9.26 -7.69
N ARG B 59 -14.94 8.17 -7.16
CA ARG B 59 -15.99 7.49 -7.92
C ARG B 59 -17.15 8.46 -8.08
N HIS B 60 -17.55 8.70 -9.31
CA HIS B 60 -18.62 9.65 -9.56
C HIS B 60 -19.93 8.93 -9.61
N THR B 61 -20.88 9.44 -8.85
CA THR B 61 -22.06 8.76 -8.39
C THR B 61 -23.04 8.46 -9.51
N ARG B 62 -24.18 9.13 -9.44
CA ARG B 62 -25.20 9.04 -10.47
C ARG B 62 -25.30 10.33 -11.24
N ASP B 63 -24.60 11.38 -10.79
CA ASP B 63 -24.42 12.62 -11.53
C ASP B 63 -23.08 12.49 -12.27
N VAL B 64 -23.17 12.26 -13.58
CA VAL B 64 -21.96 12.17 -14.40
C VAL B 64 -22.06 13.19 -15.52
N THR B 65 -22.54 14.39 -15.19
CA THR B 65 -22.66 15.48 -16.14
C THR B 65 -21.34 16.23 -16.28
N PRO B 66 -21.19 17.01 -17.35
CA PRO B 66 -19.99 17.88 -17.46
C PRO B 66 -19.74 18.74 -16.24
N ASP B 67 -20.77 19.29 -15.62
CA ASP B 67 -20.47 20.16 -14.49
C ASP B 67 -20.03 19.36 -13.28
N ALA B 68 -20.54 18.13 -13.11
CA ALA B 68 -20.05 17.31 -12.01
C ALA B 68 -18.54 17.10 -12.11
N PHE B 69 -18.02 16.86 -13.32
CA PHE B 69 -16.59 16.62 -13.50
C PHE B 69 -15.78 17.92 -13.45
N ARG B 70 -16.29 19.00 -14.02
CA ARG B 70 -15.59 20.28 -13.91
C ARG B 70 -15.40 20.68 -12.46
N ARG B 71 -16.45 20.52 -11.64
CA ARG B 71 -16.37 20.81 -10.21
C ARG B 71 -15.29 19.96 -9.54
N SER B 72 -15.22 18.69 -9.90
CA SER B 72 -14.18 17.83 -9.33
C SER B 72 -12.80 18.23 -9.84
N ILE B 73 -12.67 18.50 -11.14
CA ILE B 73 -11.40 18.99 -11.68
C ILE B 73 -10.95 20.26 -10.95
N ARG B 74 -11.86 21.24 -10.84
CA ARG B 74 -11.53 22.50 -10.14
C ARG B 74 -11.18 22.25 -8.69
N LEU B 75 -11.85 21.30 -8.05
CA LEU B 75 -11.56 21.02 -6.65
C LEU B 75 -10.10 20.63 -6.47
N HIS B 76 -9.63 19.64 -7.23
CA HIS B 76 -8.29 19.12 -7.02
C HIS B 76 -7.23 20.01 -7.64
N GLN B 77 -7.61 20.84 -8.61
CA GLN B 77 -6.70 21.90 -9.05
C GLN B 77 -6.42 22.85 -7.90
N GLU B 78 -7.47 23.25 -7.19
CA GLU B 78 -7.29 24.08 -6.01
C GLU B 78 -6.44 23.35 -4.98
N GLY B 79 -6.67 22.04 -4.83
CA GLY B 79 -5.91 21.27 -3.86
C GLY B 79 -4.43 21.21 -4.18
N LEU B 80 -4.08 21.20 -5.47
CA LEU B 80 -2.67 21.22 -5.83
C LEU B 80 -1.97 22.45 -5.27
N LEU B 81 -2.64 23.61 -5.33
CA LEU B 81 -2.04 24.84 -4.80
C LEU B 81 -1.99 24.81 -3.28
N ARG B 82 -3.04 24.27 -2.64
CA ARG B 82 -3.01 24.09 -1.19
C ARG B 82 -1.86 23.18 -0.79
N TYR B 83 -1.62 22.12 -1.56
CA TYR B 83 -0.55 21.18 -1.23
C TYR B 83 0.82 21.81 -1.48
N ALA B 84 0.98 22.50 -2.61
CA ALA B 84 2.20 23.23 -2.85
C ALA B 84 2.45 24.25 -1.74
N ALA B 85 1.39 24.91 -1.27
CA ALA B 85 1.54 25.91 -0.21
C ALA B 85 1.95 25.24 1.09
N LYS B 86 1.50 24.01 1.30
CA LYS B 86 1.92 23.29 2.50
C LYS B 86 3.42 23.00 2.44
N ILE B 87 3.85 22.27 1.41
CA ILE B 87 5.24 21.80 1.35
C ILE B 87 6.21 22.95 1.14
N TRP B 88 5.75 24.07 0.59
CA TRP B 88 6.62 25.23 0.42
C TRP B 88 6.56 26.17 1.62
N GLY B 89 5.63 25.95 2.55
CA GLY B 89 5.45 26.85 3.67
C GLY B 89 5.12 28.25 3.21
N ALA B 90 4.07 28.38 2.39
CA ALA B 90 3.76 29.66 1.77
C ALA B 90 3.52 30.75 2.79
N GLU B 91 3.22 30.36 4.04
CA GLU B 91 3.08 31.30 5.15
C GLU B 91 4.18 32.35 5.16
N HIS B 92 5.45 31.91 5.10
CA HIS B 92 6.58 32.83 5.06
C HIS B 92 7.16 33.03 3.68
N ARG B 93 7.28 31.97 2.87
CA ARG B 93 8.02 32.08 1.63
C ARG B 93 7.19 32.67 0.49
N LEU B 94 5.87 32.49 0.50
CA LEU B 94 5.03 32.88 -0.62
C LEU B 94 4.02 33.97 -0.25
N SER B 95 4.31 34.73 0.79
CA SER B 95 3.38 35.74 1.31
C SER B 95 3.89 37.16 1.11
N GLY B 96 4.94 37.35 0.31
CA GLY B 96 5.51 38.67 0.06
C GLY B 96 5.33 39.15 -1.37
N ARG B 97 6.32 39.86 -1.89
CA ARG B 97 6.32 40.36 -3.26
C ARG B 97 6.82 39.25 -4.17
N ILE B 98 5.91 38.61 -4.90
CA ILE B 98 6.31 37.44 -5.68
C ILE B 98 5.95 37.61 -7.15
N LEU B 99 6.69 36.88 -7.98
CA LEU B 99 6.39 36.71 -9.39
C LEU B 99 5.55 35.46 -9.59
N ASP B 100 4.44 35.59 -10.31
CA ASP B 100 3.68 34.44 -10.75
C ASP B 100 3.96 34.24 -12.24
N VAL B 101 4.91 33.36 -12.53
CA VAL B 101 5.51 33.29 -13.86
C VAL B 101 4.72 32.29 -14.71
N GLY B 102 4.01 32.82 -15.71
CA GLY B 102 3.07 32.01 -16.44
C GLY B 102 1.86 31.83 -15.55
N CYS B 103 1.09 32.90 -15.40
CA CYS B 103 -0.04 32.98 -14.48
C CYS B 103 -1.31 32.33 -15.02
N GLY B 104 -1.27 31.83 -16.25
CA GLY B 104 -2.48 31.35 -16.89
C GLY B 104 -3.56 32.40 -16.86
N LEU B 105 -4.76 31.99 -16.47
CA LEU B 105 -5.89 32.89 -16.29
C LEU B 105 -5.97 33.48 -14.90
N GLY B 106 -4.90 33.38 -14.11
CA GLY B 106 -4.80 34.08 -12.85
C GLY B 106 -5.24 33.31 -11.64
N GLY B 107 -5.58 32.02 -11.79
CA GLY B 107 -6.07 31.25 -10.66
C GLY B 107 -5.01 31.10 -9.57
N GLY B 108 -3.78 30.80 -9.96
CA GLY B 108 -2.71 30.74 -8.99
C GLY B 108 -2.38 32.10 -8.41
N SER B 109 -2.36 33.13 -9.25
CA SER B 109 -2.09 34.49 -8.79
C SER B 109 -3.05 34.89 -7.67
N LEU B 110 -4.35 34.81 -7.96
CA LEU B 110 -5.37 35.11 -6.97
C LEU B 110 -5.19 34.27 -5.71
N PHE B 111 -4.87 32.98 -5.86
CA PHE B 111 -4.67 32.11 -4.70
C PHE B 111 -3.66 32.70 -3.72
N TRP B 112 -2.49 33.11 -4.21
CA TRP B 112 -1.44 33.63 -3.33
C TRP B 112 -1.85 34.95 -2.72
N ALA B 113 -2.54 35.79 -3.49
CA ALA B 113 -3.03 37.07 -2.98
C ALA B 113 -4.01 36.88 -1.82
N GLN B 114 -4.93 35.92 -1.95
CA GLN B 114 -6.03 35.76 -1.00
C GLN B 114 -5.70 34.85 0.17
N GLU B 115 -5.04 33.74 -0.10
CA GLU B 115 -4.83 32.78 0.96
C GLU B 115 -3.57 33.09 1.77
N TYR B 116 -2.66 33.88 1.23
CA TYR B 116 -1.40 34.09 1.92
C TYR B 116 -1.01 35.56 1.98
N GLY B 117 -1.89 36.47 1.61
CA GLY B 117 -1.66 37.89 1.80
C GLY B 117 -0.39 38.31 1.13
N ALA B 118 -0.21 37.86 -0.11
CA ALA B 118 0.97 38.15 -0.89
C ALA B 118 0.65 39.20 -1.92
N ASP B 119 1.66 39.95 -2.34
CA ASP B 119 1.54 40.87 -3.46
C ASP B 119 2.15 40.19 -4.67
N VAL B 120 1.39 40.13 -5.76
CA VAL B 120 1.69 39.22 -6.85
C VAL B 120 1.81 40.00 -8.14
N THR B 121 2.91 39.78 -8.85
CA THR B 121 3.09 40.27 -10.22
C THR B 121 2.99 39.07 -11.14
N ALA B 122 1.96 39.04 -11.98
CA ALA B 122 1.57 37.87 -12.75
C ALA B 122 2.04 38.02 -14.19
N VAL B 123 2.96 37.15 -14.62
CA VAL B 123 3.61 37.24 -15.92
C VAL B 123 2.96 36.26 -16.88
N THR B 124 2.68 36.71 -18.10
CA THR B 124 2.21 35.84 -19.18
C THR B 124 2.65 36.43 -20.52
N ASN B 125 2.64 35.57 -21.55
CA ASN B 125 2.85 35.98 -22.93
C ASN B 125 1.58 35.83 -23.75
N ALA B 126 0.46 35.62 -23.10
CA ALA B 126 -0.83 35.62 -23.77
C ALA B 126 -1.49 36.94 -23.43
N PRO B 127 -1.48 37.93 -24.34
CA PRO B 127 -1.98 39.26 -23.96
C PRO B 127 -3.47 39.25 -23.64
N GLU B 128 -4.25 38.37 -24.28
CA GLU B 128 -5.68 38.25 -23.99
C GLU B 128 -5.94 37.84 -22.55
N HIS B 129 -5.03 37.10 -21.93
CA HIS B 129 -5.28 36.62 -20.57
C HIS B 129 -5.08 37.70 -19.53
N ALA B 130 -4.24 38.70 -19.82
CA ALA B 130 -3.95 39.76 -18.86
C ALA B 130 -5.19 40.51 -18.38
N PRO B 131 -6.11 40.97 -19.25
CA PRO B 131 -7.32 41.63 -18.72
C PRO B 131 -8.13 40.72 -17.81
N ILE B 132 -8.25 39.44 -18.18
CA ILE B 132 -9.00 38.47 -17.39
C ILE B 132 -8.41 38.31 -16.00
N VAL B 133 -7.09 38.32 -15.88
CA VAL B 133 -6.50 38.21 -14.56
C VAL B 133 -6.77 39.46 -13.74
N GLU B 134 -6.76 40.63 -14.40
CA GLU B 134 -6.97 41.88 -13.69
C GLU B 134 -8.42 42.02 -13.25
N GLY B 135 -9.35 41.81 -14.18
CA GLY B 135 -10.77 41.79 -13.82
C GLY B 135 -11.07 40.89 -12.64
N PHE B 136 -10.47 39.70 -12.60
CA PHE B 136 -10.74 38.80 -11.50
C PHE B 136 -10.05 39.24 -10.21
N ALA B 137 -8.93 39.97 -10.33
CA ALA B 137 -8.26 40.50 -9.15
C ALA B 137 -9.12 41.55 -8.44
N ARG B 138 -9.87 42.36 -9.21
CA ARG B 138 -10.76 43.35 -8.61
C ARG B 138 -11.95 42.68 -7.95
N GLU B 139 -12.64 41.83 -8.68
CA GLU B 139 -13.80 41.15 -8.17
C GLU B 139 -13.51 40.40 -6.87
N CYS B 140 -12.25 40.07 -6.60
CA CYS B 140 -11.86 39.50 -5.31
C CYS B 140 -11.39 40.56 -4.31
N GLY B 141 -11.25 41.81 -4.75
CA GLY B 141 -10.79 42.86 -3.86
C GLY B 141 -9.32 42.83 -3.55
N VAL B 142 -8.53 42.20 -4.40
CA VAL B 142 -7.08 42.19 -4.30
C VAL B 142 -6.43 42.85 -5.51
N GLY B 143 -7.23 43.56 -6.32
CA GLY B 143 -6.68 44.26 -7.47
C GLY B 143 -5.56 45.21 -7.12
N GLY B 144 -5.47 45.63 -5.87
CA GLY B 144 -4.34 46.41 -5.41
C GLY B 144 -3.18 45.58 -4.92
N ARG B 145 -3.23 44.26 -5.13
CA ARG B 145 -2.15 43.36 -4.76
C ARG B 145 -1.73 42.49 -5.93
N VAL B 146 -2.25 42.74 -7.13
CA VAL B 146 -2.05 41.86 -8.26
C VAL B 146 -2.04 42.71 -9.53
N ARG B 147 -0.87 42.81 -10.15
CA ARG B 147 -0.67 43.48 -11.42
C ARG B 147 -0.24 42.45 -12.43
N THR B 148 -0.38 42.77 -13.72
CA THR B 148 0.06 41.84 -14.75
C THR B 148 1.23 42.40 -15.55
N LEU B 149 1.93 41.50 -16.23
CA LEU B 149 3.08 41.83 -17.06
C LEU B 149 2.99 40.99 -18.32
N VAL B 150 2.56 41.60 -19.42
CA VAL B 150 2.47 40.89 -20.70
C VAL B 150 3.87 40.97 -21.31
N CYS B 151 4.66 39.92 -21.13
CA CYS B 151 6.02 39.89 -21.63
C CYS B 151 6.46 38.42 -21.73
N ASP B 152 7.69 38.23 -22.21
CA ASP B 152 8.31 36.92 -22.16
C ASP B 152 8.95 36.73 -20.79
N ALA B 153 8.83 35.51 -20.25
CA ALA B 153 9.35 35.21 -18.93
C ALA B 153 10.87 35.28 -18.85
N MET B 154 11.56 35.27 -20.00
CA MET B 154 13.00 35.19 -20.05
C MET B 154 13.59 36.54 -20.44
N HIS B 155 12.82 37.59 -20.16
CA HIS B 155 13.10 38.98 -20.46
C HIS B 155 12.18 39.75 -19.51
N LEU B 156 12.34 39.50 -18.18
CA LEU B 156 11.42 40.13 -17.23
C LEU B 156 11.90 41.51 -16.82
N PRO B 157 11.10 42.55 -17.01
CA PRO B 157 11.36 43.82 -16.32
C PRO B 157 11.72 43.69 -14.85
N LEU B 158 13.00 44.01 -14.51
CA LEU B 158 13.49 44.16 -13.14
C LEU B 158 13.14 45.48 -12.48
N ASP B 159 12.68 46.49 -13.22
CA ASP B 159 12.12 47.66 -12.53
C ASP B 159 10.79 47.22 -11.94
N GLY B 160 10.60 47.50 -10.66
CA GLY B 160 9.60 46.79 -9.88
C GLY B 160 10.24 46.15 -8.66
N GLY B 161 11.50 46.50 -8.41
CA GLY B 161 12.20 46.13 -7.19
C GLY B 161 12.40 44.64 -7.02
N PRO B 162 13.26 44.26 -6.07
CA PRO B 162 13.50 42.84 -5.79
C PRO B 162 12.25 42.13 -5.30
N TYR B 163 12.12 40.88 -5.70
CA TYR B 163 10.97 40.07 -5.32
C TYR B 163 11.39 39.05 -4.27
N ASP B 164 10.40 38.63 -3.49
CA ASP B 164 10.63 37.67 -2.42
C ASP B 164 10.77 36.26 -2.96
N ALA B 165 9.85 35.86 -3.84
CA ALA B 165 9.92 34.53 -4.45
C ALA B 165 9.32 34.60 -5.86
N ALA B 166 9.52 33.52 -6.61
CA ALA B 166 8.85 33.32 -7.89
C ALA B 166 8.27 31.92 -7.91
N VAL B 167 7.04 31.81 -8.39
CA VAL B 167 6.32 30.55 -8.44
C VAL B 167 5.92 30.30 -9.89
N ALA B 168 6.10 29.05 -10.34
CA ALA B 168 5.82 28.64 -11.71
C ALA B 168 5.11 27.30 -11.61
N ILE B 169 3.79 27.32 -11.76
CA ILE B 169 2.95 26.14 -11.73
C ILE B 169 2.71 25.76 -13.18
N GLU B 170 3.33 24.68 -13.63
CA GLU B 170 3.18 24.11 -14.97
C GLU B 170 3.51 25.09 -16.11
N SER B 171 4.38 26.08 -15.90
CA SER B 171 4.77 26.96 -16.99
C SER B 171 6.21 26.80 -17.44
N SER B 172 7.08 26.21 -16.60
CA SER B 172 8.52 26.27 -16.86
C SER B 172 8.95 25.35 -17.99
N GLY B 173 8.14 24.36 -18.36
CA GLY B 173 8.43 23.63 -19.58
C GLY B 173 8.48 24.51 -20.81
N TYR B 174 7.99 25.73 -20.72
CA TYR B 174 8.05 26.67 -21.83
C TYR B 174 9.30 27.53 -21.80
N PHE B 175 10.13 27.41 -20.76
CA PHE B 175 11.23 28.33 -20.55
C PHE B 175 12.58 27.74 -20.97
N ASP B 176 13.48 28.63 -21.38
CA ASP B 176 14.92 28.41 -21.40
C ASP B 176 15.40 28.48 -19.97
N ARG B 177 15.63 27.32 -19.34
CA ARG B 177 15.89 27.34 -17.90
C ARG B 177 17.14 28.12 -17.54
N PRO B 178 18.32 27.88 -18.16
CA PRO B 178 19.51 28.71 -17.85
C PRO B 178 19.24 30.19 -17.91
N VAL B 179 18.66 30.65 -19.02
CA VAL B 179 18.39 32.06 -19.19
C VAL B 179 17.37 32.54 -18.17
N TRP B 180 16.29 31.77 -17.98
CA TRP B 180 15.26 32.12 -17.01
C TRP B 180 15.84 32.26 -15.59
N PHE B 181 16.69 31.32 -15.18
CA PHE B 181 17.28 31.41 -13.85
C PHE B 181 18.27 32.57 -13.74
N GLU B 182 18.93 32.93 -14.83
CA GLU B 182 19.73 34.14 -14.83
C GLU B 182 18.85 35.35 -14.53
N ARG B 183 17.73 35.47 -15.25
CA ARG B 183 16.80 36.57 -14.99
C ARG B 183 16.33 36.54 -13.55
N LEU B 184 16.00 35.36 -13.04
CA LEU B 184 15.55 35.24 -11.66
C LEU B 184 16.65 35.65 -10.68
N ALA B 185 17.91 35.37 -11.03
CA ALA B 185 19.00 35.69 -10.12
C ALA B 185 19.12 37.19 -9.89
N HIS B 186 18.68 37.99 -10.85
CA HIS B 186 18.74 39.44 -10.74
C HIS B 186 17.48 40.08 -10.16
N VAL B 187 16.33 39.41 -10.24
CA VAL B 187 15.10 40.03 -9.72
C VAL B 187 14.76 39.53 -8.33
N LEU B 188 15.41 38.48 -7.85
CA LEU B 188 15.07 37.85 -6.59
C LEU B 188 16.15 38.14 -5.54
N ARG B 189 15.71 38.57 -4.36
CA ARG B 189 16.59 38.81 -3.23
C ARG B 189 17.35 37.55 -2.84
N PRO B 190 18.47 37.69 -2.12
CA PRO B 190 19.18 36.51 -1.62
C PRO B 190 18.32 35.72 -0.65
N GLY B 191 18.39 34.39 -0.75
CA GLY B 191 17.50 33.53 -0.01
C GLY B 191 16.09 33.41 -0.58
N GLY B 192 15.74 34.25 -1.56
CA GLY B 192 14.49 34.10 -2.29
C GLY B 192 14.26 32.69 -2.83
N SER B 193 13.00 32.26 -2.82
CA SER B 193 12.61 30.93 -3.24
C SER B 193 12.11 30.95 -4.68
N VAL B 194 12.39 29.88 -5.41
CA VAL B 194 11.81 29.66 -6.73
C VAL B 194 11.05 28.34 -6.64
N CYS B 195 9.73 28.42 -6.68
CA CYS B 195 8.86 27.26 -6.47
C CYS B 195 8.28 26.82 -7.80
N ILE B 196 8.51 25.55 -8.15
CA ILE B 196 8.19 25.01 -9.46
C ILE B 196 7.34 23.75 -9.30
N GLU B 197 6.20 23.71 -9.97
CA GLU B 197 5.51 22.47 -10.28
C GLU B 197 5.59 22.28 -11.80
N GLU B 198 5.93 21.07 -12.23
CA GLU B 198 6.25 20.85 -13.64
C GLU B 198 6.21 19.36 -13.95
N VAL B 199 6.06 19.07 -15.24
CA VAL B 199 6.34 17.76 -15.79
C VAL B 199 7.82 17.69 -16.15
N PHE B 200 8.55 16.79 -15.50
CA PHE B 200 9.94 16.52 -15.83
C PHE B 200 10.04 15.18 -16.54
N THR B 201 11.13 15.01 -17.27
CA THR B 201 11.47 13.69 -17.79
C THR B 201 12.21 12.88 -16.71
N THR B 202 12.09 11.56 -16.81
CA THR B 202 12.91 10.65 -16.03
C THR B 202 13.83 9.82 -16.90
N ARG B 203 13.87 10.10 -18.20
CA ARG B 203 14.54 9.30 -19.21
C ARG B 203 14.26 9.96 -20.55
N PRO B 204 15.07 9.72 -21.57
CA PRO B 204 14.90 10.46 -22.82
C PRO B 204 13.61 10.07 -23.51
N HIS B 205 12.85 11.08 -23.93
CA HIS B 205 11.61 10.96 -24.69
C HIS B 205 10.46 10.57 -23.78
N GLY B 206 10.64 10.68 -22.46
CA GLY B 206 9.66 10.27 -21.48
C GLY B 206 8.43 11.14 -21.41
N ALA B 207 8.48 12.34 -21.98
CA ALA B 207 7.32 13.24 -21.95
C ALA B 207 6.98 13.74 -23.34
N ASP B 208 7.21 12.91 -24.38
CA ASP B 208 7.08 13.38 -25.76
C ASP B 208 5.63 13.72 -26.12
N VAL B 209 4.67 12.89 -25.70
CA VAL B 209 3.26 13.25 -25.92
C VAL B 209 2.96 14.59 -25.27
N TRP B 210 3.36 14.73 -24.02
CA TRP B 210 3.16 15.99 -23.31
C TRP B 210 3.85 17.13 -24.04
N ALA B 211 5.10 16.90 -24.44
CA ALA B 211 5.87 17.97 -25.07
C ALA B 211 5.27 18.38 -26.40
N GLU B 212 4.97 17.41 -27.26
CA GLU B 212 4.55 17.74 -28.61
C GLU B 212 3.13 18.26 -28.68
N TYR B 213 2.30 17.94 -27.68
CA TYR B 213 0.94 18.41 -27.67
C TYR B 213 0.81 19.81 -27.07
N PHE B 214 1.58 20.10 -26.02
CA PHE B 214 1.49 21.36 -25.31
C PHE B 214 2.61 22.32 -25.67
N TYR B 215 3.46 21.99 -26.65
CA TYR B 215 4.51 22.89 -27.09
C TYR B 215 5.53 23.19 -25.99
N THR B 216 5.90 22.16 -25.21
CA THR B 216 6.89 22.35 -24.16
C THR B 216 8.17 21.58 -24.49
N LYS B 217 9.21 21.90 -23.74
CA LYS B 217 10.49 21.19 -23.80
C LYS B 217 10.79 20.71 -22.39
N PRO B 218 10.23 19.58 -21.99
CA PRO B 218 10.45 19.12 -20.63
C PRO B 218 11.86 18.57 -20.49
N ALA B 219 12.44 18.80 -19.32
CA ALA B 219 13.80 18.36 -19.03
C ALA B 219 13.78 17.69 -17.68
N THR B 220 14.89 17.03 -17.34
CA THR B 220 14.97 16.33 -16.07
C THR B 220 15.17 17.30 -14.91
N VAL B 221 15.07 16.74 -13.72
CA VAL B 221 15.29 17.52 -12.51
C VAL B 221 16.75 17.98 -12.43
N LEU B 222 17.68 17.10 -12.84
CA LEU B 222 19.09 17.46 -12.89
C LEU B 222 19.33 18.65 -13.81
N ASP B 223 18.76 18.62 -15.01
CA ASP B 223 18.85 19.77 -15.90
C ASP B 223 18.45 21.06 -15.17
N TYR B 224 17.32 21.01 -14.46
CA TYR B 224 16.83 22.21 -13.79
C TYR B 224 17.80 22.67 -12.70
N ALA B 225 18.36 21.71 -11.93
CA ALA B 225 19.28 22.05 -10.84
C ALA B 225 20.60 22.61 -11.37
N GLU B 226 21.08 22.08 -12.49
CA GLU B 226 22.29 22.58 -13.12
C GLU B 226 22.10 24.02 -13.57
N ALA B 227 21.01 24.30 -14.31
CA ALA B 227 20.73 25.67 -14.76
C ALA B 227 20.53 26.62 -13.58
N ALA B 228 19.80 26.18 -12.56
CA ALA B 228 19.65 27.01 -11.36
C ALA B 228 20.99 27.28 -10.70
N LYS B 229 21.86 26.27 -10.61
CA LYS B 229 23.16 26.47 -9.97
C LYS B 229 23.96 27.52 -10.70
N ALA B 230 24.08 27.39 -12.02
CA ALA B 230 24.85 28.32 -12.80
C ALA B 230 24.35 29.75 -12.64
N ALA B 231 23.14 29.94 -12.09
CA ALA B 231 22.63 31.27 -11.78
C ALA B 231 22.61 31.53 -10.28
N GLY B 232 23.30 30.72 -9.49
CA GLY B 232 23.38 30.95 -8.06
C GLY B 232 22.20 30.46 -7.24
N PHE B 233 21.50 29.43 -7.70
CA PHE B 233 20.34 28.90 -6.98
C PHE B 233 20.64 27.50 -6.45
N GLU B 234 20.12 27.22 -5.27
CA GLU B 234 20.34 25.96 -4.56
C GLU B 234 19.03 25.17 -4.55
N LEU B 235 19.05 23.96 -5.11
CA LEU B 235 17.87 23.10 -5.01
C LEU B 235 17.74 22.61 -3.57
N VAL B 236 16.62 22.93 -2.93
CA VAL B 236 16.42 22.59 -1.53
C VAL B 236 15.23 21.68 -1.28
N ASP B 237 14.48 21.30 -2.32
CA ASP B 237 13.31 20.44 -2.11
C ASP B 237 12.92 19.77 -3.41
N ASP B 238 12.59 18.50 -3.35
CA ASP B 238 12.18 17.77 -4.54
C ASP B 238 11.16 16.71 -4.13
N VAL B 239 9.90 16.93 -4.47
CA VAL B 239 8.80 16.02 -4.18
C VAL B 239 8.27 15.44 -5.48
N ASP B 240 8.04 14.12 -5.49
CA ASP B 240 7.43 13.40 -6.60
C ASP B 240 5.94 13.28 -6.34
N ALA B 241 5.12 13.85 -7.24
CA ALA B 241 3.67 13.77 -7.11
C ALA B 241 3.03 13.15 -8.35
N THR B 242 3.73 12.23 -9.01
CA THR B 242 3.21 11.64 -10.23
C THR B 242 1.95 10.82 -9.94
N SER B 243 1.97 10.06 -8.86
CA SER B 243 0.84 9.20 -8.55
C SER B 243 -0.40 10.03 -8.24
N GLU B 244 -0.20 11.13 -7.52
CA GLU B 244 -1.33 11.88 -7.02
C GLU B 244 -1.98 12.72 -8.10
N THR B 245 -1.30 12.90 -9.23
CA THR B 245 -1.83 13.68 -10.32
C THR B 245 -2.26 12.83 -11.50
N LEU B 246 -1.91 11.54 -11.53
CA LEU B 246 -2.42 10.66 -12.59
C LEU B 246 -3.96 10.62 -12.68
N PRO B 247 -4.75 10.68 -11.60
CA PRO B 247 -6.21 10.64 -11.79
C PRO B 247 -6.77 11.86 -12.54
N PHE B 248 -6.07 13.00 -12.49
CA PHE B 248 -6.52 14.15 -13.27
C PHE B 248 -6.87 13.75 -14.70
N TRP B 249 -6.07 12.87 -15.30
CA TRP B 249 -6.34 12.49 -16.68
C TRP B 249 -7.62 11.68 -16.79
N GLU B 250 -7.99 10.95 -15.73
CA GLU B 250 -9.25 10.23 -15.81
C GLU B 250 -10.42 11.18 -15.66
N GLU B 251 -10.33 12.15 -14.74
CA GLU B 251 -11.40 13.14 -14.61
C GLU B 251 -11.46 14.04 -15.84
N SER B 252 -10.29 14.46 -16.36
CA SER B 252 -10.24 15.28 -17.56
C SER B 252 -10.80 14.53 -18.76
N THR B 253 -10.48 13.24 -18.89
CA THR B 253 -11.07 12.42 -19.94
C THR B 253 -12.58 12.26 -19.74
N ALA B 254 -13.01 12.05 -18.50
CA ALA B 254 -14.44 11.86 -18.26
C ALA B 254 -15.22 13.11 -18.63
N TRP B 255 -14.73 14.28 -18.17
CA TRP B 255 -15.40 15.55 -18.51
C TRP B 255 -15.62 15.67 -20.00
N THR B 256 -14.57 15.42 -20.78
CA THR B 256 -14.68 15.51 -22.23
C THR B 256 -15.74 14.55 -22.75
N LYS B 257 -15.75 13.32 -22.24
CA LYS B 257 -16.78 12.37 -22.69
C LYS B 257 -18.15 12.85 -22.28
N ALA B 258 -18.28 13.37 -21.06
CA ALA B 258 -19.57 13.89 -20.63
C ALA B 258 -20.07 15.01 -21.54
N VAL B 259 -19.18 15.75 -22.19
CA VAL B 259 -19.63 16.84 -23.05
C VAL B 259 -20.07 16.30 -24.41
N LEU B 260 -19.23 15.47 -25.04
CA LEU B 260 -19.62 14.84 -26.30
C LEU B 260 -20.91 14.05 -26.16
N ASP B 261 -21.13 13.44 -25.00
CA ASP B 261 -22.30 12.59 -24.77
C ASP B 261 -23.55 13.38 -24.47
N SER B 262 -23.43 14.53 -23.81
CA SER B 262 -24.59 15.20 -23.23
C SER B 262 -25.26 16.18 -24.18
N ASP B 263 -24.51 17.07 -24.83
CA ASP B 263 -25.10 18.15 -25.59
C ASP B 263 -25.03 17.86 -27.09
N SER B 264 -26.20 17.66 -27.70
CA SER B 264 -26.35 17.48 -29.14
C SER B 264 -26.49 18.80 -29.90
N THR B 265 -26.34 19.93 -29.21
CA THR B 265 -26.20 21.24 -29.87
C THR B 265 -24.74 21.68 -29.80
N LEU B 266 -23.89 20.80 -30.32
CA LEU B 266 -22.46 21.03 -30.51
C LEU B 266 -22.19 21.02 -32.00
N SER B 267 -21.54 22.07 -32.49
CA SER B 267 -21.15 22.13 -33.90
C SER B 267 -20.13 21.05 -34.21
N ALA B 268 -20.14 20.59 -35.47
CA ALA B 268 -19.20 19.56 -35.88
C ALA B 268 -17.77 19.97 -35.58
N VAL B 269 -17.46 21.26 -35.69
CA VAL B 269 -16.08 21.72 -35.53
C VAL B 269 -15.63 21.59 -34.08
N ASP B 270 -16.49 22.01 -33.13
CA ASP B 270 -16.18 21.91 -31.71
C ASP B 270 -16.34 20.50 -31.20
N ARG B 271 -17.19 19.70 -31.85
CA ARG B 271 -17.28 18.28 -31.54
C ARG B 271 -16.01 17.55 -31.95
N ARG B 272 -15.37 17.98 -33.04
CA ARG B 272 -14.12 17.36 -33.45
C ARG B 272 -12.94 17.82 -32.60
N GLN B 273 -12.92 19.11 -32.21
CA GLN B 273 -11.91 19.59 -31.26
C GLN B 273 -12.02 18.85 -29.93
N LEU B 274 -13.23 18.70 -29.40
CA LEU B 274 -13.41 17.92 -28.18
C LEU B 274 -12.93 16.50 -28.36
N ARG B 275 -13.20 15.90 -29.52
CA ARG B 275 -12.79 14.51 -29.75
C ARG B 275 -11.27 14.40 -29.70
N ILE B 276 -10.58 15.34 -30.36
CA ILE B 276 -9.12 15.32 -30.40
C ILE B 276 -8.55 15.46 -28.99
N SER B 277 -9.18 16.29 -28.17
CA SER B 277 -8.76 16.45 -26.79
C SER B 277 -8.92 15.15 -26.01
N LEU B 278 -9.96 14.37 -26.34
CA LEU B 278 -10.14 13.07 -25.68
C LEU B 278 -9.04 12.11 -26.07
N MET B 279 -8.75 11.98 -27.38
CA MET B 279 -7.63 11.14 -27.80
C MET B 279 -6.33 11.60 -27.15
N ALA B 280 -6.15 12.92 -27.01
CA ALA B 280 -4.96 13.46 -26.37
C ALA B 280 -4.89 13.05 -24.91
N ASN B 281 -5.98 13.29 -24.17
CA ASN B 281 -6.03 12.91 -22.77
C ASN B 281 -5.77 11.43 -22.60
N GLN B 282 -6.27 10.61 -23.52
CA GLN B 282 -5.99 9.18 -23.43
C GLN B 282 -4.51 8.89 -23.66
N ALA B 283 -3.87 9.59 -24.62
CA ALA B 283 -2.45 9.37 -24.83
C ALA B 283 -1.62 9.99 -23.72
N LEU B 284 -2.08 11.11 -23.17
CA LEU B 284 -1.35 11.79 -22.11
C LEU B 284 -1.35 10.96 -20.83
N GLY B 285 -2.51 10.44 -20.43
CA GLY B 285 -2.58 9.64 -19.22
C GLY B 285 -1.81 8.34 -19.33
N ALA B 286 -1.76 7.74 -20.52
CA ALA B 286 -0.96 6.54 -20.68
C ALA B 286 0.52 6.85 -20.45
N GLU B 287 1.00 7.96 -21.00
CA GLU B 287 2.40 8.33 -20.80
C GLU B 287 2.68 8.70 -19.35
N TRP B 288 1.69 9.26 -18.65
CA TRP B 288 1.87 9.58 -17.24
C TRP B 288 2.21 8.35 -16.38
N GLN B 289 1.78 7.16 -16.78
CA GLN B 289 2.06 5.97 -15.99
C GLN B 289 3.12 5.10 -16.61
N ALA B 290 3.63 5.46 -17.79
CA ALA B 290 4.59 4.60 -18.48
C ALA B 290 5.96 4.61 -17.83
N GLY B 291 6.23 5.51 -16.88
CA GLY B 291 7.49 5.56 -16.18
C GLY B 291 8.42 6.67 -16.63
N GLY B 292 8.32 7.10 -17.89
CA GLY B 292 9.25 8.06 -18.46
C GLY B 292 9.09 9.49 -18.00
N LEU B 293 8.11 9.78 -17.16
CA LEU B 293 7.76 11.15 -16.81
C LEU B 293 7.62 11.26 -15.29
N ARG B 294 7.76 12.48 -14.79
CA ARG B 294 7.61 12.75 -13.37
C ARG B 294 6.95 14.12 -13.18
N LEU B 295 5.76 14.14 -12.55
CA LEU B 295 5.17 15.38 -12.07
C LEU B 295 5.80 15.69 -10.72
N GLY B 296 6.58 16.78 -10.66
CA GLY B 296 7.37 17.08 -9.50
C GLY B 296 7.12 18.48 -8.97
N PHE B 297 7.50 18.66 -7.71
CA PHE B 297 7.48 19.94 -7.02
C PHE B 297 8.92 20.23 -6.58
N LEU B 298 9.45 21.39 -6.97
CA LEU B 298 10.84 21.76 -6.66
C LEU B 298 10.86 23.13 -6.02
N ARG B 299 11.82 23.35 -5.13
CA ARG B 299 12.09 24.68 -4.60
C ARG B 299 13.59 24.93 -4.59
N PHE B 300 13.98 26.07 -5.14
CA PHE B 300 15.36 26.56 -5.12
C PHE B 300 15.44 27.79 -4.21
N GLU B 301 16.61 27.99 -3.62
CA GLU B 301 16.94 29.18 -2.85
C GLU B 301 18.12 29.89 -3.49
N ARG B 302 18.03 31.21 -3.56
CA ARG B 302 19.10 32.01 -4.16
C ARG B 302 20.33 32.04 -3.26
N ARG C 22 25.74 -29.45 3.81
CA ARG C 22 25.78 -30.23 2.56
C ARG C 22 26.74 -29.63 1.51
N ILE C 23 26.37 -29.81 0.23
CA ILE C 23 26.93 -29.06 -0.88
C ILE C 23 26.59 -27.58 -0.78
N VAL C 24 25.64 -27.22 0.09
CA VAL C 24 25.21 -25.83 0.19
C VAL C 24 26.33 -24.95 0.70
N GLY C 25 27.23 -25.50 1.53
CA GLY C 25 28.37 -24.72 1.99
C GLY C 25 29.34 -24.43 0.86
N GLN C 26 29.49 -25.37 -0.07
CA GLN C 26 30.29 -25.12 -1.27
C GLN C 26 29.58 -24.16 -2.22
N TYR C 27 28.26 -24.20 -2.21
CA TYR C 27 27.47 -23.28 -3.03
C TYR C 27 27.52 -21.87 -2.46
N TYR C 28 27.56 -21.75 -1.13
CA TYR C 28 27.66 -20.44 -0.49
C TYR C 28 29.08 -19.91 -0.56
N ASP C 29 30.07 -20.79 -0.43
CA ASP C 29 31.47 -20.43 -0.68
C ASP C 29 31.66 -19.77 -2.04
N ASP C 30 31.24 -20.45 -3.11
CA ASP C 30 31.59 -20.04 -4.46
C ASP C 30 30.95 -18.72 -4.89
N LYS C 31 29.88 -18.28 -4.26
CA LYS C 31 29.25 -17.02 -4.64
C LYS C 31 29.64 -15.88 -3.71
N THR C 32 30.65 -16.09 -2.87
CA THR C 32 31.27 -14.99 -2.12
C THR C 32 31.56 -13.79 -3.01
N ALA C 33 32.09 -14.04 -4.21
CA ALA C 33 32.47 -12.96 -5.10
C ALA C 33 31.26 -12.12 -5.52
N LYS C 34 30.18 -12.80 -5.94
CA LYS C 34 29.00 -12.09 -6.40
C LYS C 34 28.30 -11.33 -5.27
N LEU C 35 28.36 -11.86 -4.05
CA LEU C 35 27.69 -11.18 -2.94
C LEU C 35 28.37 -9.85 -2.61
N VAL C 36 29.70 -9.83 -2.64
CA VAL C 36 30.40 -8.58 -2.35
C VAL C 36 30.21 -7.58 -3.49
N ARG C 37 30.18 -8.08 -4.73
CA ARG C 37 29.91 -7.24 -5.90
C ARG C 37 28.54 -6.54 -5.77
N LYS C 38 27.51 -7.32 -5.45
CA LYS C 38 26.11 -6.89 -5.38
C LYS C 38 25.73 -6.26 -4.03
N TYR C 39 26.14 -6.81 -2.91
CA TYR C 39 25.64 -6.32 -1.65
C TYR C 39 26.71 -5.66 -0.79
N GLY C 40 27.97 -5.63 -1.23
CA GLY C 40 29.01 -4.94 -0.52
C GLY C 40 28.96 -3.45 -0.79
N PRO C 41 29.99 -2.71 -0.36
CA PRO C 41 31.22 -3.19 0.26
C PRO C 41 31.09 -3.10 1.75
N GLY C 42 31.83 -2.13 2.29
CA GLY C 42 31.73 -1.74 3.67
C GLY C 42 31.95 -2.91 4.59
N PRO C 43 31.58 -2.73 5.82
CA PRO C 43 31.78 -3.80 6.79
C PRO C 43 30.54 -4.67 6.97
N ARG C 44 29.35 -4.15 6.64
CA ARG C 44 28.10 -4.90 6.83
C ARG C 44 27.49 -5.24 5.48
N ILE C 45 27.69 -6.48 5.05
CA ILE C 45 27.13 -7.01 3.81
C ILE C 45 25.98 -7.93 4.19
N HIS C 46 24.78 -7.60 3.75
CA HIS C 46 23.62 -8.42 4.02
C HIS C 46 23.30 -9.30 2.82
N TYR C 47 22.74 -10.49 3.10
CA TYR C 47 22.27 -11.38 2.03
C TYR C 47 20.90 -11.93 2.45
N HIS C 48 19.89 -11.06 2.30
CA HIS C 48 18.50 -11.36 2.57
C HIS C 48 17.71 -10.29 1.87
N VAL C 49 16.38 -10.47 1.78
CA VAL C 49 15.55 -9.53 1.03
C VAL C 49 15.42 -8.23 1.82
N GLY C 50 15.21 -7.15 1.11
CA GLY C 50 15.04 -5.88 1.75
C GLY C 50 13.59 -5.58 2.07
N TYR C 51 13.41 -4.72 3.07
CA TYR C 51 12.10 -4.37 3.60
C TYR C 51 11.74 -2.94 3.17
N TYR C 52 10.60 -2.82 2.49
CA TYR C 52 10.08 -1.55 1.95
C TYR C 52 8.74 -1.26 2.60
N PRO C 53 8.73 -0.48 3.70
CA PRO C 53 7.52 -0.39 4.53
C PRO C 53 6.28 0.13 3.79
N SER C 54 6.43 0.67 2.59
CA SER C 54 5.33 1.16 1.80
C SER C 54 4.86 0.17 0.74
N SER C 55 5.55 -0.97 0.59
CA SER C 55 5.21 -1.97 -0.43
C SER C 55 5.39 -1.40 -1.83
N GLU C 56 6.30 -0.44 -1.95
CA GLU C 56 6.58 0.22 -3.21
C GLU C 56 8.09 0.40 -3.35
N ALA C 57 8.64 0.00 -4.49
CA ALA C 57 10.05 0.24 -4.75
C ALA C 57 10.29 1.73 -5.00
N PRO C 58 11.42 2.27 -4.55
CA PRO C 58 11.70 3.68 -4.83
C PRO C 58 11.83 3.90 -6.33
N ARG C 59 11.45 5.10 -6.77
CA ARG C 59 11.62 5.48 -8.16
C ARG C 59 13.03 6.01 -8.32
N HIS C 60 13.80 5.38 -9.21
CA HIS C 60 15.19 5.75 -9.44
C HIS C 60 15.25 6.50 -10.76
N THR C 61 15.64 7.78 -10.68
CA THR C 61 15.52 8.67 -11.83
C THR C 61 16.82 9.43 -12.05
N ARG C 62 17.30 10.09 -11.00
CA ARG C 62 18.52 10.91 -11.08
C ARG C 62 19.74 10.06 -11.43
N ASP C 63 19.71 8.78 -11.08
CA ASP C 63 20.90 7.92 -11.05
C ASP C 63 20.41 6.49 -11.22
N VAL C 64 20.66 5.89 -12.39
CA VAL C 64 20.19 4.53 -12.64
C VAL C 64 21.36 3.61 -12.90
N THR C 65 22.49 3.87 -12.28
CA THR C 65 23.69 3.04 -12.38
C THR C 65 23.58 1.89 -11.40
N PRO C 66 24.34 0.81 -11.59
CA PRO C 66 24.28 -0.29 -10.62
C PRO C 66 24.47 0.16 -9.18
N ASP C 67 25.37 1.12 -8.95
CA ASP C 67 25.60 1.57 -7.58
C ASP C 67 24.36 2.21 -6.94
N ALA C 68 23.47 2.83 -7.73
CA ALA C 68 22.24 3.38 -7.14
C ALA C 68 21.35 2.28 -6.58
N PHE C 69 21.06 1.26 -7.39
CA PHE C 69 20.27 0.14 -6.90
C PHE C 69 20.99 -0.59 -5.75
N ARG C 70 22.31 -0.76 -5.86
CA ARG C 70 23.05 -1.43 -4.79
C ARG C 70 22.84 -0.71 -3.45
N ARG C 71 23.04 0.60 -3.43
CA ARG C 71 22.89 1.32 -2.17
C ARG C 71 21.46 1.28 -1.67
N SER C 72 20.49 1.31 -2.60
CA SER C 72 19.09 1.21 -2.20
C SER C 72 18.76 -0.18 -1.67
N ILE C 73 19.28 -1.22 -2.32
CA ILE C 73 19.13 -2.55 -1.77
C ILE C 73 19.78 -2.65 -0.40
N ARG C 74 21.00 -2.11 -0.26
CA ARG C 74 21.69 -2.17 1.02
C ARG C 74 20.87 -1.48 2.09
N LEU C 75 20.40 -0.26 1.80
CA LEU C 75 19.68 0.51 2.80
C LEU C 75 18.41 -0.21 3.27
N HIS C 76 17.65 -0.79 2.33
CA HIS C 76 16.45 -1.52 2.68
C HIS C 76 16.74 -2.91 3.26
N GLN C 77 17.93 -3.47 3.03
CA GLN C 77 18.30 -4.67 3.76
C GLN C 77 18.58 -4.34 5.21
N GLU C 78 19.16 -3.18 5.47
CA GLU C 78 19.29 -2.69 6.84
C GLU C 78 17.92 -2.41 7.43
N GLY C 79 17.00 -1.88 6.61
CA GLY C 79 15.65 -1.65 7.06
C GLY C 79 14.96 -2.92 7.53
N LEU C 80 15.26 -4.04 6.87
CA LEU C 80 14.76 -5.32 7.35
C LEU C 80 15.25 -5.63 8.76
N LEU C 81 16.54 -5.46 9.03
CA LEU C 81 17.02 -5.70 10.38
C LEU C 81 16.41 -4.72 11.37
N ARG C 82 16.37 -3.43 11.03
CA ARG C 82 15.77 -2.46 11.94
C ARG C 82 14.32 -2.80 12.25
N TYR C 83 13.55 -3.19 11.22
CA TYR C 83 12.17 -3.59 11.42
C TYR C 83 12.08 -4.82 12.33
N ALA C 84 13.01 -5.76 12.18
CA ALA C 84 12.93 -6.97 12.97
C ALA C 84 13.22 -6.69 14.43
N ALA C 85 14.29 -5.92 14.70
CA ALA C 85 14.64 -5.55 16.06
C ALA C 85 13.52 -4.76 16.73
N LYS C 86 12.72 -4.03 15.93
CA LYS C 86 11.59 -3.33 16.51
C LYS C 86 10.49 -4.32 16.93
N ILE C 87 9.99 -5.12 15.98
CA ILE C 87 8.90 -6.03 16.33
C ILE C 87 9.35 -7.13 17.27
N TRP C 88 10.65 -7.40 17.36
CA TRP C 88 11.16 -8.39 18.30
C TRP C 88 11.66 -7.77 19.59
N GLY C 89 11.56 -6.44 19.72
CA GLY C 89 12.10 -5.73 20.87
C GLY C 89 13.51 -6.16 21.19
N ALA C 90 14.44 -5.92 20.28
CA ALA C 90 15.81 -6.38 20.45
C ALA C 90 16.50 -5.72 21.64
N GLU C 91 16.00 -4.57 22.10
CA GLU C 91 16.62 -3.84 23.21
C GLU C 91 16.83 -4.76 24.41
N HIS C 92 15.82 -5.58 24.75
CA HIS C 92 16.01 -6.58 25.78
C HIS C 92 16.09 -8.02 25.26
N ARG C 93 15.51 -8.33 24.10
CA ARG C 93 15.52 -9.73 23.68
C ARG C 93 16.75 -10.15 22.88
N LEU C 94 17.52 -9.21 22.32
CA LEU C 94 18.63 -9.56 21.45
C LEU C 94 19.91 -8.80 21.81
N SER C 95 19.94 -8.24 23.01
CA SER C 95 21.10 -7.53 23.51
C SER C 95 22.04 -8.43 24.31
N GLY C 96 21.61 -9.64 24.65
CA GLY C 96 22.40 -10.54 25.48
C GLY C 96 23.29 -11.45 24.66
N ARG C 97 23.46 -12.70 25.09
CA ARG C 97 24.31 -13.65 24.40
C ARG C 97 23.45 -14.46 23.45
N ILE C 98 23.69 -14.32 22.14
CA ILE C 98 22.75 -14.81 21.15
C ILE C 98 23.50 -15.57 20.05
N LEU C 99 22.76 -16.46 19.40
CA LEU C 99 23.25 -17.24 18.27
C LEU C 99 22.76 -16.60 16.97
N ASP C 100 23.69 -16.27 16.07
CA ASP C 100 23.32 -15.79 14.73
C ASP C 100 23.49 -16.95 13.76
N VAL C 101 22.44 -17.75 13.61
CA VAL C 101 22.50 -18.97 12.83
C VAL C 101 22.36 -18.64 11.35
N GLY C 102 23.31 -19.12 10.55
CA GLY C 102 23.30 -18.78 9.14
C GLY C 102 23.64 -17.32 8.94
N CYS C 103 24.86 -16.95 9.34
CA CYS C 103 25.25 -15.55 9.50
C CYS C 103 25.60 -14.85 8.19
N GLY C 104 25.66 -15.57 7.08
CA GLY C 104 26.16 -14.98 5.84
C GLY C 104 27.54 -14.41 6.02
N LEU C 105 27.72 -13.17 5.52
CA LEU C 105 28.97 -12.45 5.63
C LEU C 105 29.03 -11.55 6.86
N GLY C 106 28.12 -11.73 7.81
CA GLY C 106 28.19 -11.06 9.08
C GLY C 106 27.41 -9.76 9.19
N GLY C 107 26.60 -9.43 8.19
CA GLY C 107 25.85 -8.20 8.23
C GLY C 107 24.92 -8.14 9.43
N GLY C 108 24.07 -9.17 9.54
CA GLY C 108 23.24 -9.30 10.73
C GLY C 108 24.04 -9.38 12.02
N SER C 109 25.12 -10.17 12.02
CA SER C 109 25.90 -10.38 13.24
C SER C 109 26.42 -9.07 13.81
N LEU C 110 27.04 -8.25 12.96
CA LEU C 110 27.53 -6.95 13.42
C LEU C 110 26.39 -6.05 13.83
N PHE C 111 25.23 -6.17 13.17
CA PHE C 111 24.08 -5.33 13.49
C PHE C 111 23.63 -5.52 14.93
N TRP C 112 23.49 -6.77 15.36
CA TRP C 112 23.14 -7.04 16.76
C TRP C 112 24.27 -6.64 17.70
N ALA C 113 25.52 -6.94 17.32
CA ALA C 113 26.65 -6.64 18.20
C ALA C 113 26.77 -5.16 18.51
N GLN C 114 26.54 -4.30 17.51
CA GLN C 114 26.77 -2.85 17.59
C GLN C 114 25.53 -2.07 18.00
N GLU C 115 24.37 -2.40 17.41
CA GLU C 115 23.16 -1.65 17.68
C GLU C 115 22.58 -1.98 19.06
N TYR C 116 22.70 -3.24 19.49
CA TYR C 116 22.14 -3.66 20.77
C TYR C 116 23.19 -4.26 21.70
N GLY C 117 24.47 -4.24 21.35
CA GLY C 117 25.52 -4.67 22.26
C GLY C 117 25.58 -6.17 22.49
N ALA C 118 25.07 -6.95 21.56
CA ALA C 118 24.95 -8.37 21.80
C ALA C 118 26.32 -9.05 21.68
N ASP C 119 26.44 -10.20 22.34
CA ASP C 119 27.59 -11.07 22.17
C ASP C 119 27.16 -12.20 21.25
N VAL C 120 27.74 -12.25 20.06
CA VAL C 120 27.22 -13.03 18.95
C VAL C 120 28.12 -14.22 18.69
N THR C 121 27.51 -15.39 18.53
CA THR C 121 28.18 -16.56 17.98
C THR C 121 27.63 -16.75 16.57
N ALA C 122 28.47 -16.53 15.56
CA ALA C 122 28.07 -16.57 14.17
C ALA C 122 28.34 -17.95 13.58
N VAL C 123 27.29 -18.59 13.05
CA VAL C 123 27.35 -19.96 12.59
C VAL C 123 27.17 -19.98 11.07
N THR C 124 27.97 -20.80 10.39
CA THR C 124 27.89 -20.94 8.95
C THR C 124 28.42 -22.32 8.57
N ASN C 125 27.97 -22.81 7.41
CA ASN C 125 28.53 -24.01 6.82
C ASN C 125 29.38 -23.66 5.60
N ALA C 126 29.62 -22.37 5.37
CA ALA C 126 30.47 -21.91 4.30
C ALA C 126 31.75 -21.39 4.91
N PRO C 127 32.82 -22.20 4.94
CA PRO C 127 34.03 -21.78 5.67
C PRO C 127 34.67 -20.54 5.09
N GLU C 128 34.64 -20.34 3.76
CA GLU C 128 35.20 -19.14 3.16
C GLU C 128 34.66 -17.88 3.81
N HIS C 129 33.52 -17.97 4.50
CA HIS C 129 32.78 -16.81 4.99
C HIS C 129 33.21 -16.39 6.39
N ALA C 130 33.51 -17.35 7.26
CA ALA C 130 33.92 -17.03 8.63
C ALA C 130 35.07 -16.04 8.71
N PRO C 131 36.19 -16.20 7.99
CA PRO C 131 37.27 -15.21 8.11
C PRO C 131 36.84 -13.83 7.67
N ILE C 132 35.91 -13.75 6.72
CA ILE C 132 35.39 -12.46 6.29
C ILE C 132 34.63 -11.80 7.44
N VAL C 133 33.90 -12.60 8.22
CA VAL C 133 33.10 -12.03 9.31
C VAL C 133 34.01 -11.56 10.45
N GLU C 134 35.07 -12.33 10.74
CA GLU C 134 36.02 -11.87 11.76
C GLU C 134 36.71 -10.59 11.31
N GLY C 135 37.13 -10.53 10.05
CA GLY C 135 37.67 -9.29 9.52
C GLY C 135 36.75 -8.10 9.76
N PHE C 136 35.47 -8.24 9.39
CA PHE C 136 34.54 -7.13 9.51
C PHE C 136 34.25 -6.79 10.97
N ALA C 137 34.33 -7.78 11.86
CA ALA C 137 34.10 -7.51 13.28
C ALA C 137 35.28 -6.76 13.91
N ARG C 138 36.51 -7.20 13.64
CA ARG C 138 37.71 -6.44 14.00
C ARG C 138 37.56 -5.00 13.58
N GLU C 139 37.22 -4.83 12.29
CA GLU C 139 36.99 -3.56 11.57
C GLU C 139 36.12 -2.58 12.32
N CYS C 140 34.96 -3.04 12.76
CA CYS C 140 34.06 -2.22 13.55
C CYS C 140 34.39 -2.23 15.03
N GLY C 141 35.39 -2.98 15.46
CA GLY C 141 35.76 -3.01 16.86
C GLY C 141 34.88 -3.87 17.74
N VAL C 142 34.25 -4.87 17.17
CA VAL C 142 33.40 -5.77 17.94
C VAL C 142 33.94 -7.19 17.93
N GLY C 143 35.22 -7.35 17.59
CA GLY C 143 35.86 -8.67 17.57
C GLY C 143 35.86 -9.38 18.91
N GLY C 144 35.79 -8.65 20.01
CA GLY C 144 35.62 -9.30 21.30
C GLY C 144 34.20 -9.75 21.61
N ARG C 145 33.21 -9.33 20.80
CA ARG C 145 31.80 -9.65 21.02
C ARG C 145 31.14 -10.32 19.80
N VAL C 146 31.92 -10.82 18.85
CA VAL C 146 31.39 -11.58 17.72
C VAL C 146 32.38 -12.69 17.41
N ARG C 147 31.91 -13.95 17.44
CA ARG C 147 32.71 -15.14 17.15
C ARG C 147 32.02 -16.02 16.12
N THR C 148 32.81 -16.56 15.19
CA THR C 148 32.33 -17.46 14.17
C THR C 148 32.65 -18.91 14.52
N LEU C 149 31.81 -19.83 14.02
CA LEU C 149 32.17 -21.23 14.02
C LEU C 149 31.53 -21.92 12.82
N VAL C 150 32.32 -22.73 12.15
CA VAL C 150 31.97 -23.30 10.86
C VAL C 150 31.58 -24.75 11.09
N CYS C 151 30.29 -25.04 10.93
CA CYS C 151 29.73 -26.37 11.12
C CYS C 151 28.32 -26.36 10.53
N ASP C 152 27.67 -27.52 10.59
CA ASP C 152 26.28 -27.63 10.23
C ASP C 152 25.47 -27.18 11.44
N ALA C 153 24.40 -26.42 11.19
CA ALA C 153 23.64 -25.87 12.30
C ALA C 153 22.74 -26.89 12.99
N MET C 154 22.66 -28.13 12.49
CA MET C 154 21.88 -29.17 13.15
C MET C 154 22.75 -30.19 13.88
N HIS C 155 24.07 -30.04 13.87
CA HIS C 155 24.96 -30.96 14.55
C HIS C 155 25.98 -30.22 15.40
N LEU C 156 26.02 -28.90 15.29
CA LEU C 156 26.85 -27.97 16.04
C LEU C 156 27.02 -28.34 17.51
N PRO C 157 28.23 -28.65 17.97
CA PRO C 157 28.51 -28.50 19.41
C PRO C 157 28.69 -27.03 19.75
N LEU C 158 27.89 -26.53 20.70
CA LEU C 158 27.90 -25.13 21.05
C LEU C 158 28.35 -24.96 22.50
N ASP C 159 29.66 -24.88 22.74
CA ASP C 159 30.00 -24.37 24.06
C ASP C 159 29.69 -22.87 24.11
N GLY C 160 29.46 -22.38 25.31
CA GLY C 160 29.14 -20.98 25.46
C GLY C 160 27.94 -20.80 26.36
N GLY C 161 27.70 -21.77 27.24
CA GLY C 161 26.62 -21.72 28.20
C GLY C 161 25.27 -21.55 27.54
N PRO C 162 24.23 -21.29 28.33
CA PRO C 162 22.92 -20.96 27.76
C PRO C 162 22.97 -19.62 27.02
N TYR C 163 22.36 -19.58 25.84
CA TYR C 163 22.21 -18.35 25.08
C TYR C 163 20.83 -17.74 25.37
N ASP C 164 20.77 -16.41 25.36
CA ASP C 164 19.51 -15.74 25.64
C ASP C 164 18.56 -15.75 24.44
N ALA C 165 19.08 -15.95 23.22
CA ALA C 165 18.25 -15.92 22.02
C ALA C 165 19.03 -16.51 20.85
N ALA C 166 18.30 -16.82 19.78
CA ALA C 166 18.89 -17.18 18.50
C ALA C 166 18.14 -16.45 17.40
N VAL C 167 18.89 -15.97 16.39
CA VAL C 167 18.33 -15.27 15.25
C VAL C 167 18.73 -16.01 13.99
N ALA C 168 17.78 -16.18 13.07
CA ALA C 168 18.01 -16.82 11.78
C ALA C 168 17.35 -15.96 10.72
N ILE C 169 18.15 -15.17 10.02
CA ILE C 169 17.66 -14.35 8.92
C ILE C 169 17.86 -15.14 7.64
N GLU C 170 16.78 -15.74 7.15
CA GLU C 170 16.71 -16.37 5.84
C GLU C 170 17.65 -17.55 5.72
N SER C 171 17.87 -18.26 6.82
CA SER C 171 18.67 -19.47 6.80
C SER C 171 17.90 -20.72 7.19
N SER C 172 16.89 -20.61 8.05
CA SER C 172 16.15 -21.78 8.52
C SER C 172 15.56 -22.63 7.39
N GLY C 173 15.46 -22.08 6.19
CA GLY C 173 15.04 -22.91 5.07
C GLY C 173 16.01 -24.01 4.72
N TYR C 174 17.23 -23.96 5.26
CA TYR C 174 18.26 -24.97 5.03
C TYR C 174 18.28 -26.05 6.10
N PHE C 175 17.43 -25.93 7.13
CA PHE C 175 17.55 -26.72 8.34
C PHE C 175 16.46 -27.77 8.41
N ASP C 176 16.74 -28.85 9.13
CA ASP C 176 15.68 -29.77 9.56
C ASP C 176 15.04 -29.14 10.78
N ARG C 177 13.77 -28.74 10.66
CA ARG C 177 13.17 -27.92 11.71
C ARG C 177 12.92 -28.73 12.98
N PRO C 178 12.29 -29.91 12.94
CA PRO C 178 12.21 -30.74 14.18
C PRO C 178 13.53 -30.85 14.92
N VAL C 179 14.61 -31.17 14.21
CA VAL C 179 15.92 -31.43 14.83
C VAL C 179 16.60 -30.14 15.25
N TRP C 180 16.49 -29.08 14.44
CA TRP C 180 17.09 -27.80 14.77
C TRP C 180 16.48 -27.21 16.06
N PHE C 181 15.15 -27.26 16.20
CA PHE C 181 14.53 -26.74 17.41
C PHE C 181 14.91 -27.55 18.66
N GLU C 182 15.04 -28.88 18.54
CA GLU C 182 15.62 -29.64 19.65
C GLU C 182 16.98 -29.09 20.05
N ARG C 183 17.84 -28.82 19.06
CA ARG C 183 19.16 -28.28 19.36
C ARG C 183 19.04 -26.97 20.14
N LEU C 184 18.16 -26.07 19.69
CA LEU C 184 18.05 -24.78 20.35
C LEU C 184 17.47 -24.92 21.74
N ALA C 185 16.60 -25.91 21.95
CA ALA C 185 16.02 -26.13 23.27
C ALA C 185 17.09 -26.50 24.31
N HIS C 186 18.20 -27.09 23.88
CA HIS C 186 19.22 -27.44 24.85
C HIS C 186 20.12 -26.25 25.20
N VAL C 187 20.28 -25.30 24.28
CA VAL C 187 21.26 -24.23 24.46
C VAL C 187 20.62 -22.88 24.77
N LEU C 188 19.31 -22.77 24.72
CA LEU C 188 18.61 -21.54 25.05
C LEU C 188 18.02 -21.65 26.45
N ARG C 189 18.25 -20.63 27.28
CA ARG C 189 17.64 -20.59 28.60
C ARG C 189 16.11 -20.52 28.50
N PRO C 190 15.40 -20.89 29.57
CA PRO C 190 13.95 -20.76 29.56
C PRO C 190 13.53 -19.32 29.31
N GLY C 191 12.46 -19.15 28.53
CA GLY C 191 12.01 -17.83 28.12
C GLY C 191 12.85 -17.16 27.05
N GLY C 192 13.86 -17.84 26.52
CA GLY C 192 14.65 -17.26 25.44
C GLY C 192 13.92 -17.31 24.12
N SER C 193 14.31 -16.44 23.21
CA SER C 193 13.60 -16.28 21.95
C SER C 193 14.33 -16.95 20.81
N VAL C 194 13.55 -17.46 19.87
CA VAL C 194 14.03 -17.86 18.55
C VAL C 194 13.34 -16.94 17.57
N CYS C 195 14.12 -16.11 16.89
CA CYS C 195 13.60 -15.13 15.96
C CYS C 195 13.91 -15.57 14.53
N ILE C 196 12.87 -15.78 13.72
CA ILE C 196 13.02 -16.32 12.38
C ILE C 196 12.45 -15.33 11.38
N GLU C 197 13.26 -14.92 10.43
CA GLU C 197 12.77 -14.33 9.19
C GLU C 197 12.96 -15.37 8.09
N GLU C 198 11.91 -15.60 7.30
CA GLU C 198 11.98 -16.75 6.41
C GLU C 198 10.92 -16.68 5.32
N VAL C 199 11.21 -17.34 4.19
CA VAL C 199 10.18 -17.64 3.21
C VAL C 199 9.46 -18.91 3.64
N PHE C 200 8.12 -18.84 3.68
CA PHE C 200 7.26 -19.97 3.99
C PHE C 200 6.30 -20.19 2.84
N THR C 201 5.88 -21.44 2.69
CA THR C 201 4.77 -21.75 1.80
C THR C 201 3.45 -21.44 2.50
N THR C 202 2.48 -20.97 1.72
CA THR C 202 1.09 -20.91 2.16
C THR C 202 0.22 -21.93 1.45
N ARG C 203 0.47 -22.18 0.18
CA ARG C 203 -0.03 -23.36 -0.52
C ARG C 203 1.11 -24.35 -0.74
N PRO C 204 0.81 -25.61 -1.07
CA PRO C 204 1.90 -26.54 -1.43
C PRO C 204 2.53 -26.12 -2.75
N HIS C 205 3.86 -26.33 -2.85
CA HIS C 205 4.66 -25.93 -4.01
C HIS C 205 4.72 -24.42 -4.20
N GLY C 206 4.14 -23.64 -3.28
CA GLY C 206 4.02 -22.21 -3.43
C GLY C 206 5.31 -21.42 -3.31
N ALA C 207 6.42 -22.11 -3.07
CA ALA C 207 7.74 -21.47 -2.98
C ALA C 207 8.76 -22.29 -3.76
N ASP C 208 8.31 -23.05 -4.77
CA ASP C 208 9.17 -23.97 -5.49
C ASP C 208 10.29 -23.23 -6.22
N VAL C 209 9.98 -22.11 -6.86
CA VAL C 209 11.03 -21.36 -7.56
C VAL C 209 12.12 -20.96 -6.57
N TRP C 210 11.71 -20.42 -5.42
CA TRP C 210 12.66 -20.08 -4.37
C TRP C 210 13.42 -21.30 -3.90
N ALA C 211 12.71 -22.43 -3.73
CA ALA C 211 13.31 -23.61 -3.11
C ALA C 211 14.36 -24.23 -4.01
N GLU C 212 13.98 -24.53 -5.25
CA GLU C 212 14.88 -25.22 -6.16
C GLU C 212 16.08 -24.36 -6.55
N TYR C 213 15.89 -23.04 -6.63
CA TYR C 213 16.97 -22.18 -7.05
C TYR C 213 17.97 -21.93 -5.93
N PHE C 214 17.50 -21.94 -4.68
CA PHE C 214 18.36 -21.58 -3.57
C PHE C 214 18.74 -22.78 -2.71
N TYR C 215 18.34 -23.99 -3.14
CA TYR C 215 18.56 -25.25 -2.42
C TYR C 215 17.91 -25.25 -1.04
N THR C 216 16.80 -24.53 -0.86
CA THR C 216 16.09 -24.53 0.41
C THR C 216 14.91 -25.49 0.36
N LYS C 217 14.36 -25.73 1.55
CA LYS C 217 13.16 -26.54 1.71
C LYS C 217 12.18 -25.75 2.58
N PRO C 218 11.48 -24.77 1.99
CA PRO C 218 10.51 -24.00 2.78
C PRO C 218 9.33 -24.86 3.15
N ALA C 219 8.82 -24.62 4.35
CA ALA C 219 7.61 -25.26 4.84
C ALA C 219 6.60 -24.18 5.24
N THR C 220 5.48 -24.62 5.79
CA THR C 220 4.47 -23.69 6.26
C THR C 220 4.83 -23.19 7.66
N VAL C 221 4.10 -22.19 8.11
CA VAL C 221 4.22 -21.75 9.49
C VAL C 221 3.73 -22.83 10.43
N LEU C 222 2.74 -23.62 10.03
CA LEU C 222 2.33 -24.74 10.88
C LEU C 222 3.50 -25.69 11.12
N ASP C 223 4.21 -26.09 10.04
CA ASP C 223 5.35 -27.00 10.18
C ASP C 223 6.37 -26.45 11.17
N TYR C 224 6.70 -25.16 11.09
CA TYR C 224 7.63 -24.60 12.05
C TYR C 224 7.09 -24.69 13.47
N ALA C 225 5.79 -24.41 13.65
CA ALA C 225 5.22 -24.36 15.00
C ALA C 225 5.14 -25.75 15.60
N GLU C 226 4.81 -26.74 14.78
CA GLU C 226 4.77 -28.13 15.21
C GLU C 226 6.13 -28.60 15.70
N ALA C 227 7.18 -28.27 14.93
CA ALA C 227 8.52 -28.70 15.29
C ALA C 227 9.02 -27.95 16.51
N ALA C 228 8.60 -26.70 16.68
CA ALA C 228 9.09 -25.93 17.81
C ALA C 228 8.35 -26.33 19.07
N LYS C 229 7.04 -26.53 18.97
CA LYS C 229 6.28 -27.08 20.10
C LYS C 229 6.86 -28.40 20.58
N ALA C 230 7.29 -29.28 19.66
CA ALA C 230 7.82 -30.56 20.08
C ALA C 230 9.05 -30.40 20.95
N ALA C 231 9.89 -29.41 20.66
CA ALA C 231 11.08 -29.18 21.46
C ALA C 231 10.85 -28.18 22.59
N GLY C 232 9.62 -27.72 22.81
CA GLY C 232 9.30 -26.88 23.95
C GLY C 232 9.27 -25.38 23.73
N PHE C 233 8.97 -24.92 22.51
CA PHE C 233 8.83 -23.51 22.20
C PHE C 233 7.37 -23.18 21.92
N GLU C 234 6.98 -21.95 22.27
CA GLU C 234 5.66 -21.41 21.96
C GLU C 234 5.81 -20.31 20.92
N LEU C 235 4.91 -20.30 19.94
CA LEU C 235 4.84 -19.23 18.96
C LEU C 235 4.15 -18.02 19.58
N VAL C 236 4.87 -16.91 19.71
CA VAL C 236 4.31 -15.72 20.34
C VAL C 236 4.14 -14.55 19.38
N ASP C 237 4.52 -14.71 18.11
CA ASP C 237 4.46 -13.62 17.14
C ASP C 237 4.56 -14.18 15.73
N ASP C 238 3.70 -13.71 14.83
CA ASP C 238 3.64 -14.26 13.47
C ASP C 238 3.24 -13.15 12.50
N VAL C 239 4.24 -12.53 11.86
CA VAL C 239 4.05 -11.33 11.06
C VAL C 239 4.19 -11.66 9.57
N ASP C 240 3.34 -11.05 8.74
CA ASP C 240 3.35 -11.23 7.29
C ASP C 240 3.98 -10.00 6.66
N ALA C 241 5.18 -10.17 6.11
CA ALA C 241 5.91 -9.11 5.44
C ALA C 241 6.04 -9.38 3.94
N THR C 242 5.12 -10.14 3.36
CA THR C 242 5.26 -10.52 1.96
C THR C 242 5.19 -9.30 1.05
N SER C 243 4.22 -8.42 1.34
CA SER C 243 3.99 -7.23 0.52
C SER C 243 5.12 -6.21 0.69
N GLU C 244 5.68 -6.09 1.89
CA GLU C 244 6.76 -5.13 2.13
C GLU C 244 8.10 -5.58 1.55
N THR C 245 8.27 -6.86 1.26
CA THR C 245 9.52 -7.32 0.67
C THR C 245 9.42 -7.56 -0.82
N LEU C 246 8.23 -7.50 -1.40
CA LEU C 246 8.12 -7.66 -2.85
C LEU C 246 8.95 -6.64 -3.63
N PRO C 247 9.06 -5.36 -3.22
CA PRO C 247 9.85 -4.42 -4.01
C PRO C 247 11.31 -4.82 -4.16
N PHE C 248 11.83 -5.66 -3.24
CA PHE C 248 13.22 -6.10 -3.32
C PHE C 248 13.53 -6.76 -4.65
N TRP C 249 12.56 -7.47 -5.23
CA TRP C 249 12.83 -8.15 -6.49
C TRP C 249 12.91 -7.19 -7.65
N GLU C 250 12.13 -6.11 -7.60
CA GLU C 250 12.27 -5.07 -8.61
C GLU C 250 13.66 -4.42 -8.55
N GLU C 251 14.15 -4.12 -7.34
CA GLU C 251 15.47 -3.51 -7.23
C GLU C 251 16.55 -4.50 -7.61
N SER C 252 16.45 -5.74 -7.10
CA SER C 252 17.42 -6.78 -7.42
C SER C 252 17.52 -7.00 -8.93
N THR C 253 16.36 -7.11 -9.60
CA THR C 253 16.31 -7.20 -11.06
C THR C 253 16.94 -5.96 -11.70
N ALA C 254 16.52 -4.78 -11.27
CA ALA C 254 16.98 -3.54 -11.88
C ALA C 254 18.49 -3.38 -11.77
N TRP C 255 19.07 -3.80 -10.63
CA TRP C 255 20.53 -3.75 -10.50
C TRP C 255 21.19 -4.63 -11.55
N THR C 256 20.72 -5.88 -11.63
CA THR C 256 21.27 -6.85 -12.58
C THR C 256 21.19 -6.34 -14.01
N LYS C 257 20.10 -5.63 -14.35
CA LYS C 257 19.98 -5.09 -15.69
C LYS C 257 20.99 -3.96 -15.92
N ALA C 258 21.14 -3.08 -14.93
CA ALA C 258 22.08 -1.96 -15.03
C ALA C 258 23.51 -2.46 -15.24
N VAL C 259 23.94 -3.48 -14.50
CA VAL C 259 25.29 -4.03 -14.70
C VAL C 259 25.44 -4.56 -16.12
N LEU C 260 24.48 -5.39 -16.55
CA LEU C 260 24.52 -5.93 -17.92
C LEU C 260 24.50 -4.82 -18.95
N ASP C 261 23.75 -3.75 -18.69
CA ASP C 261 23.53 -2.73 -19.69
C ASP C 261 24.76 -1.84 -19.86
N SER C 262 25.49 -1.59 -18.77
CA SER C 262 26.52 -0.55 -18.74
C SER C 262 27.93 -1.12 -18.85
N ASP C 263 28.29 -2.01 -17.93
CA ASP C 263 29.67 -2.52 -17.86
C ASP C 263 30.02 -3.29 -19.12
N SER C 264 31.03 -2.81 -19.84
CA SER C 264 31.47 -3.49 -21.05
C SER C 264 32.73 -4.31 -20.83
N THR C 265 33.21 -4.42 -19.59
CA THR C 265 34.32 -5.28 -19.26
C THR C 265 33.88 -6.69 -18.89
N LEU C 266 32.61 -7.03 -19.09
CA LEU C 266 32.11 -8.34 -18.67
C LEU C 266 32.52 -9.41 -19.66
N SER C 267 33.11 -10.48 -19.15
CA SER C 267 33.33 -11.65 -19.99
C SER C 267 31.99 -12.29 -20.35
N ALA C 268 32.03 -13.15 -21.38
CA ALA C 268 30.81 -13.83 -21.78
C ALA C 268 30.27 -14.69 -20.65
N VAL C 269 31.17 -15.29 -19.86
CA VAL C 269 30.74 -16.13 -18.75
C VAL C 269 30.08 -15.31 -17.66
N ASP C 270 30.70 -14.18 -17.28
CA ASP C 270 30.10 -13.34 -16.25
C ASP C 270 28.78 -12.77 -16.74
N ARG C 271 28.70 -12.45 -18.02
CA ARG C 271 27.48 -11.87 -18.57
C ARG C 271 26.34 -12.89 -18.58
N ARG C 272 26.68 -14.17 -18.75
CA ARG C 272 25.65 -15.21 -18.74
C ARG C 272 25.17 -15.50 -17.33
N GLN C 273 26.06 -15.42 -16.34
CA GLN C 273 25.58 -15.59 -14.97
C GLN C 273 24.67 -14.44 -14.57
N LEU C 274 25.03 -13.21 -14.95
CA LEU C 274 24.15 -12.09 -14.65
C LEU C 274 22.82 -12.26 -15.35
N ARG C 275 22.84 -12.69 -16.61
CA ARG C 275 21.61 -13.01 -17.32
C ARG C 275 20.81 -14.07 -16.58
N ILE C 276 21.45 -15.18 -16.21
CA ILE C 276 20.74 -16.22 -15.46
C ILE C 276 20.19 -15.66 -14.16
N SER C 277 20.96 -14.79 -13.49
CA SER C 277 20.46 -14.15 -12.27
C SER C 277 19.21 -13.31 -12.56
N LEU C 278 19.22 -12.55 -13.65
CA LEU C 278 18.07 -11.74 -14.02
C LEU C 278 16.88 -12.63 -14.31
N MET C 279 17.10 -13.72 -15.05
CA MET C 279 16.00 -14.60 -15.38
C MET C 279 15.40 -15.18 -14.11
N ALA C 280 16.25 -15.50 -13.14
CA ALA C 280 15.76 -16.03 -11.87
C ALA C 280 15.05 -14.95 -11.06
N ASN C 281 15.56 -13.72 -11.07
CA ASN C 281 14.92 -12.70 -10.27
C ASN C 281 13.51 -12.41 -10.74
N GLN C 282 13.27 -12.56 -12.04
CA GLN C 282 11.94 -12.33 -12.57
C GLN C 282 10.99 -13.45 -12.15
N ALA C 283 11.45 -14.70 -12.22
CA ALA C 283 10.60 -15.81 -11.82
C ALA C 283 10.38 -15.83 -10.31
N LEU C 284 11.38 -15.38 -9.52
CA LEU C 284 11.21 -15.27 -8.09
C LEU C 284 10.24 -14.16 -7.74
N GLY C 285 10.34 -13.02 -8.43
CA GLY C 285 9.41 -11.94 -8.21
C GLY C 285 7.99 -12.31 -8.61
N ALA C 286 7.84 -13.13 -9.66
CA ALA C 286 6.52 -13.59 -10.05
C ALA C 286 5.94 -14.52 -8.99
N GLU C 287 6.76 -15.45 -8.51
CA GLU C 287 6.32 -16.31 -7.42
C GLU C 287 5.91 -15.51 -6.19
N TRP C 288 6.71 -14.50 -5.82
CA TRP C 288 6.47 -13.75 -4.58
C TRP C 288 5.05 -13.23 -4.49
N GLN C 289 4.46 -12.85 -5.62
CA GLN C 289 3.14 -12.25 -5.66
C GLN C 289 2.07 -13.23 -6.10
N ALA C 290 2.42 -14.47 -6.40
CA ALA C 290 1.43 -15.41 -6.86
C ALA C 290 0.50 -15.88 -5.74
N GLY C 291 0.79 -15.51 -4.49
CA GLY C 291 -0.01 -15.93 -3.36
C GLY C 291 0.41 -17.24 -2.70
N GLY C 292 1.41 -17.92 -3.22
CA GLY C 292 1.77 -19.23 -2.69
C GLY C 292 2.85 -19.18 -1.64
N LEU C 293 3.52 -18.05 -1.47
CA LEU C 293 4.56 -17.97 -0.45
C LEU C 293 4.34 -16.75 0.43
N ARG C 294 5.04 -16.76 1.55
CA ARG C 294 4.85 -15.78 2.61
C ARG C 294 6.22 -15.43 3.12
N LEU C 295 6.54 -14.15 3.21
CA LEU C 295 7.74 -13.72 3.89
C LEU C 295 7.35 -13.40 5.32
N GLY C 296 7.82 -14.21 6.26
CA GLY C 296 7.36 -14.17 7.62
C GLY C 296 8.45 -13.80 8.62
N PHE C 297 8.04 -13.22 9.73
CA PHE C 297 8.87 -12.96 10.89
C PHE C 297 8.24 -13.72 12.05
N LEU C 298 8.78 -14.89 12.43
CA LEU C 298 8.29 -15.59 13.61
C LEU C 298 9.19 -15.35 14.83
N ARG C 299 8.58 -15.38 16.00
CA ARG C 299 9.32 -15.39 17.25
C ARG C 299 8.76 -16.48 18.15
N PHE C 300 9.63 -17.37 18.61
CA PHE C 300 9.29 -18.45 19.52
C PHE C 300 9.92 -18.17 20.88
N GLU C 301 9.24 -18.58 21.94
CA GLU C 301 9.80 -18.48 23.28
C GLU C 301 9.92 -19.88 23.86
N ARG C 302 11.10 -20.17 24.44
CA ARG C 302 11.36 -21.48 25.04
C ARG C 302 10.54 -21.65 26.32
N LYS C 303 9.83 -22.77 26.42
CA LYS C 303 9.05 -23.11 27.61
C LYS C 303 9.93 -23.74 28.69
N1 EPE D . -18.58 -4.87 12.22
C2 EPE D . -19.04 -5.66 11.07
C3 EPE D . -19.28 -7.07 11.59
N4 EPE D . -18.49 -7.52 12.74
C5 EPE D . -17.55 -6.63 13.37
C6 EPE D . -17.25 -5.39 12.55
C7 EPE D . -19.13 -8.46 13.67
C8 EPE D . -18.74 -9.92 13.50
O8 EPE D . -17.39 -10.06 13.81
C9 EPE D . -18.57 -3.42 12.01
C10 EPE D . -18.62 -2.77 13.40
S EPE D . -19.99 -1.66 13.76
O1S EPE D . -20.30 -1.84 15.18
O2S EPE D . -21.16 -2.05 12.98
O3S EPE D . -19.68 -0.26 13.51
N SAH E . -22.03 -13.82 7.32
CA SAH E . -22.59 -12.64 8.00
CB SAH E . -21.96 -12.58 9.39
CG SAH E . -22.72 -11.90 10.52
SD SAH E . -21.56 -11.52 11.86
C SAH E . -22.33 -11.35 7.21
O SAH E . -23.25 -10.61 6.79
OXT SAH E . -21.16 -11.05 6.96
C5' SAH E . -21.85 -12.91 12.99
C4' SAH E . -22.84 -14.00 12.59
O4' SAH E . -22.48 -15.19 13.28
C3' SAH E . -24.26 -13.67 13.03
O3' SAH E . -25.15 -14.32 12.14
C2' SAH E . -24.39 -14.36 14.35
O2' SAH E . -25.75 -14.63 14.61
C1' SAH E . -23.60 -15.61 14.04
N9 SAH E . -23.24 -16.41 15.24
C8 SAH E . -22.68 -15.94 16.40
N7 SAH E . -22.53 -16.99 17.26
C5 SAH E . -23.00 -18.09 16.65
C6 SAH E . -23.08 -19.40 17.09
N6 SAH E . -22.63 -19.66 18.31
N1 SAH E . -23.59 -20.39 16.31
C2 SAH E . -24.05 -20.04 15.05
N3 SAH E . -23.98 -18.74 14.61
C4 SAH E . -23.46 -17.76 15.40
N SAH F . 0.01 28.91 -13.36
CA SAH F . -0.90 28.59 -14.46
CB SAH F . -0.17 27.88 -15.58
CG SAH F . -0.75 28.15 -16.95
SD SAH F . -0.09 26.96 -18.17
C SAH F . -2.03 27.71 -13.96
O SAH F . -1.75 26.70 -13.31
OXT SAH F . -3.23 27.96 -14.23
C5' SAH F . 1.33 27.95 -18.76
C4' SAH F . 1.33 29.47 -18.59
O4' SAH F . 2.62 29.97 -18.90
C3' SAH F . 0.38 30.14 -19.56
O3' SAH F . -0.13 31.28 -18.91
C2' SAH F . 1.28 30.59 -20.69
O2' SAH F . 0.75 31.68 -21.39
C1' SAH F . 2.52 30.96 -19.92
N9 SAH F . 3.69 31.03 -20.81
C8 SAH F . 4.03 30.16 -21.80
N7 SAH F . 5.15 30.60 -22.39
C5 SAH F . 5.52 31.76 -21.80
C6 SAH F . 6.58 32.62 -22.01
N6 SAH F . 7.46 32.35 -22.94
N1 SAH F . 6.69 33.74 -21.22
C2 SAH F . 5.76 34.01 -20.23
N3 SAH F . 4.72 33.15 -20.03
C4 SAH F . 4.60 32.04 -20.80
N1 EPE G . -3.49 20.52 -18.72
C2 EPE G . -3.51 21.29 -17.48
C3 EPE G . -2.61 22.47 -17.85
N4 EPE G . -1.41 22.12 -18.60
C5 EPE G . -1.33 20.95 -19.47
C6 EPE G . -2.23 19.84 -18.97
C7 EPE G . -0.49 23.20 -18.83
C8 EPE G . 0.68 22.79 -19.70
O8 EPE G . 1.84 23.08 -18.96
C9 EPE G . -4.68 19.77 -19.06
C10 EPE G . -4.60 19.79 -20.56
S EPE G . -6.20 19.54 -21.28
O1S EPE G . -7.12 20.54 -20.75
O2S EPE G . -6.74 18.23 -20.98
O3S EPE G . -6.01 19.64 -22.73
N SAH H . 21.97 -13.87 8.20
CA SAH H . 22.35 -13.74 6.79
CB SAH H . 21.71 -14.86 5.96
CG SAH H . 22.66 -15.57 5.00
SD SAH H . 21.80 -16.46 3.65
C SAH H . 21.90 -12.39 6.30
O SAH H . 20.70 -12.18 6.13
OXT SAH H . 22.69 -11.45 6.10
C5' SAH H . 21.87 -18.16 4.35
C4' SAH H . 22.99 -18.47 5.33
O4' SAH H . 22.79 -19.74 5.92
C3' SAH H . 24.35 -18.55 4.66
O3' SAH H . 25.23 -17.90 5.55
C2' SAH H . 24.67 -20.05 4.63
O2' SAH H . 26.04 -20.36 4.64
C1' SAH H . 23.98 -20.53 5.88
N9 SAH H . 23.66 -21.99 5.90
C8 SAH H . 23.05 -22.72 4.91
N7 SAH H . 22.95 -24.01 5.32
C5 SAH H . 23.47 -24.12 6.55
C6 SAH H . 23.62 -25.19 7.42
N6 SAH H . 23.18 -26.40 7.07
N1 SAH H . 24.22 -25.00 8.65
C2 SAH H . 24.67 -23.75 9.01
N3 SAH H . 24.52 -22.69 8.14
C4 SAH H . 23.93 -22.87 6.93
N1 EPE I . 18.25 -13.26 -1.78
C2 EPE I . 17.14 -14.20 -1.67
C3 EPE I . 17.69 -15.55 -1.26
N4 EPE I . 18.73 -15.48 -0.26
C5 EPE I . 19.12 -14.23 0.34
C6 EPE I . 18.96 -12.99 -0.52
C7 EPE I . 19.00 -16.69 0.48
C8 EPE I . 17.94 -16.83 1.53
O8 EPE I . 17.67 -18.20 1.67
C9 EPE I . 19.18 -13.60 -2.87
C10 EPE I . 18.71 -12.81 -4.09
S EPE I . 19.83 -12.90 -5.49
O1S EPE I . 20.25 -14.27 -5.78
O2S EPE I . 19.18 -12.32 -6.65
O3S EPE I . 21.04 -12.15 -5.11
#